data_2CJ9
#
_entry.id   2CJ9
#
_cell.length_a   96.713
_cell.length_b   96.713
_cell.length_c   270.302
_cell.angle_alpha   90.00
_cell.angle_beta   90.00
_cell.angle_gamma   120.00
#
_symmetry.space_group_name_H-M   'P 32 2 1'
#
loop_
_entity.id
_entity.type
_entity.pdbx_description
1 polymer 'SERYL-TRNA SYNTHETASE'
2 non-polymer 'ZINC ION'
3 non-polymer 'CHLORIDE ION'
4 non-polymer "5'-O-(N-(L-SERYL)-SULFAMOYL)ADENOSINE"
5 water water
#
_entity_poly.entity_id   1
_entity_poly.type   'polypeptide(L)'
_entity_poly.pdbx_seq_one_letter_code
;MGSSHHHHHHSSGLVPRGSHMKLQFNLKAYFKTSADPTPAKDAIAALFEEANSTLLTRGAPEGQGAKVTEWKLGEDRIEL
TLQSGRYVRVHDAIFRLRKQLAEALGKKYKIGIRGIEVESFIIKVPADHELRMLKVPYIKSMENIEGGIQLELEVGEAEM
KNRVPDRILTLLEEKIEAAQYGAKAEHWNLLWQREPMEHPFKEDPTQAMMKEGWLKRGSSRGQWIHGPQSARIFRTFEKI
VLEELLEPLGYREMIFPKLVTWEVWMKSGHAKGVYPEIYYVCPPQTRDPDYWEEVADYYKVTHEVPTKLIKEKIAEPIGG
MCYAQCPPFWMYVAGETLPNEEIPVKVFDRSGTSHRYESGGIHGIERVDEFHRIEIVWIGTKEEVLKCAEELHDRYMHIF
NDILDIEWRKARVTPWFMAQEGLLGLAEENTVGTTDYEACLPYRGPDGEWLEFQNVSINGDKYPKGFNVKLQSGDELWSG
CSGVGLERWAAVFLAQKGLDPANWPEEFRNRVGEMPKGIRFL
;
_entity_poly.pdbx_strand_id   A,B
#
# COMPACT_ATOMS: atom_id res chain seq x y z
N SER A 19 8.62 -13.40 47.34
CA SER A 19 9.70 -13.17 48.35
C SER A 19 10.75 -12.19 47.83
N HIS A 20 11.41 -11.50 48.76
CA HIS A 20 12.40 -10.49 48.43
C HIS A 20 13.75 -11.10 48.03
N MET A 21 13.76 -11.72 46.84
CA MET A 21 14.99 -12.23 46.25
C MET A 21 15.81 -11.05 45.72
N LYS A 22 17.12 -11.25 45.62
CA LYS A 22 18.04 -10.18 45.21
C LYS A 22 18.54 -10.37 43.78
N LEU A 23 18.69 -9.26 43.07
CA LEU A 23 19.23 -9.27 41.70
C LEU A 23 20.71 -9.65 41.75
N GLN A 24 21.13 -10.51 40.83
CA GLN A 24 22.50 -11.01 40.85
C GLN A 24 23.15 -11.13 39.47
N PHE A 25 24.20 -10.35 39.26
CA PHE A 25 25.02 -10.43 38.06
C PHE A 25 26.16 -11.42 38.30
N ASN A 26 26.31 -12.39 37.39
CA ASN A 26 27.38 -13.38 37.51
C ASN A 26 28.10 -13.59 36.18
N LEU A 27 29.40 -13.32 36.18
CA LEU A 27 30.19 -13.37 34.96
C LEU A 27 31.46 -14.23 35.10
N LYS A 28 31.67 -15.09 34.11
CA LYS A 28 32.91 -15.86 33.99
C LYS A 28 33.67 -15.31 32.79
N ALA A 29 34.89 -14.82 33.03
CA ALA A 29 35.69 -14.17 31.97
C ALA A 29 37.20 -14.30 32.16
N TYR A 30 37.93 -14.38 31.05
CA TYR A 30 39.38 -14.39 31.07
C TYR A 30 39.96 -13.39 30.05
N PHE A 31 41.12 -12.82 30.36
CA PHE A 31 41.77 -11.85 29.48
C PHE A 31 42.58 -12.52 28.38
N ALA A 40 53.51 -15.73 36.28
CA ALA A 40 54.39 -14.66 35.82
C ALA A 40 54.45 -13.48 36.81
N LYS A 41 53.35 -13.27 37.54
CA LYS A 41 53.26 -12.19 38.52
C LYS A 41 52.60 -12.66 39.82
N ASP A 42 53.29 -12.44 40.94
CA ASP A 42 52.78 -12.78 42.26
C ASP A 42 52.32 -11.55 43.03
N ALA A 43 52.86 -10.39 42.66
CA ALA A 43 52.60 -9.13 43.34
C ALA A 43 51.21 -8.56 43.09
N ILE A 44 50.33 -9.36 42.47
CA ILE A 44 48.95 -8.95 42.22
C ILE A 44 48.06 -9.18 43.46
N ALA A 45 48.69 -9.64 44.54
CA ALA A 45 47.99 -9.86 45.81
C ALA A 45 47.65 -8.54 46.53
N ALA A 46 48.41 -7.49 46.21
CA ALA A 46 48.17 -6.15 46.76
C ALA A 46 47.22 -5.32 45.89
N LEU A 47 46.64 -5.97 44.87
CA LEU A 47 45.70 -5.31 43.96
C LEU A 47 44.31 -5.95 44.02
N PHE A 48 44.23 -7.25 43.76
CA PHE A 48 42.97 -7.99 43.72
C PHE A 48 42.27 -8.09 45.09
N GLU A 49 43.05 -8.25 46.16
CA GLU A 49 42.51 -8.32 47.51
C GLU A 49 41.87 -7.00 47.94
N GLU A 50 42.46 -5.90 47.49
CA GLU A 50 42.01 -4.56 47.86
C GLU A 50 41.07 -3.93 46.83
N ALA A 51 40.91 -4.60 45.69
CA ALA A 51 39.97 -4.16 44.65
C ALA A 51 38.52 -4.45 45.07
N ASN A 52 38.36 -5.34 46.04
CA ASN A 52 37.04 -5.71 46.56
C ASN A 52 36.59 -4.82 47.74
N SER A 53 37.36 -3.77 48.00
CA SER A 53 37.07 -2.85 49.10
C SER A 53 37.42 -1.39 48.79
N THR A 54 38.09 -1.16 47.67
CA THR A 54 38.52 0.20 47.29
C THR A 54 38.04 0.59 45.88
N LEU A 55 38.37 -0.21 44.88
CA LEU A 55 38.09 0.10 43.48
C LEU A 55 36.62 -0.09 43.10
N LEU A 56 35.98 -1.12 43.66
CA LEU A 56 34.61 -1.47 43.32
C LEU A 56 33.66 -1.39 44.53
N THR A 57 33.89 -0.41 45.40
CA THR A 57 33.12 -0.27 46.65
C THR A 57 32.04 0.81 46.56
N ARG A 58 31.77 1.29 45.35
CA ARG A 58 30.87 2.41 45.12
C ARG A 58 29.39 2.04 45.31
N GLY A 59 28.99 1.87 46.57
CA GLY A 59 27.61 1.52 46.90
C GLY A 59 26.76 2.73 47.23
N ALA A 60 25.49 2.71 46.78
CA ALA A 60 24.59 3.84 46.98
C ALA A 60 23.91 3.89 48.36
N PRO A 61 23.14 2.84 48.74
CA PRO A 61 22.53 2.88 50.08
C PRO A 61 23.51 2.52 51.21
N GLU A 62 24.38 1.54 50.95
CA GLU A 62 25.39 1.09 51.91
C GLU A 62 26.59 0.49 51.15
N GLY A 63 27.25 -0.51 51.75
CA GLY A 63 28.32 -1.24 51.08
C GLY A 63 27.72 -2.21 50.07
N GLN A 64 27.44 -1.71 48.87
CA GLN A 64 26.68 -2.47 47.86
C GLN A 64 27.51 -2.82 46.62
N GLY A 65 28.83 -2.71 46.73
CA GLY A 65 29.74 -2.99 45.61
C GLY A 65 29.93 -4.47 45.28
N ALA A 66 30.78 -4.71 44.31
CA ALA A 66 31.08 -6.07 43.88
C ALA A 66 32.00 -6.79 44.87
N LYS A 67 31.66 -8.02 45.23
CA LYS A 67 32.35 -8.72 46.31
C LYS A 67 32.57 -10.23 46.11
N VAL A 68 32.40 -10.99 47.21
CA VAL A 68 32.79 -12.41 47.35
C VAL A 68 32.60 -13.34 46.14
N THR A 69 33.71 -13.91 45.71
CA THR A 69 33.77 -14.93 44.64
C THR A 69 35.13 -15.63 44.62
N GLU A 70 35.32 -16.54 43.67
CA GLU A 70 36.59 -17.26 43.50
C GLU A 70 37.23 -16.98 42.14
N TRP A 71 38.56 -17.15 42.07
CA TRP A 71 39.30 -16.95 40.82
C TRP A 71 40.57 -17.80 40.77
N ASP A 76 46.95 -15.11 27.97
CA ASP A 76 46.85 -14.49 29.29
C ASP A 76 45.52 -14.85 29.95
N ARG A 77 45.29 -16.14 30.16
CA ARG A 77 44.05 -16.65 30.75
C ARG A 77 43.96 -16.35 32.25
N ILE A 78 43.45 -15.16 32.57
CA ILE A 78 43.23 -14.75 33.96
C ILE A 78 41.73 -14.84 34.25
N GLU A 79 41.31 -15.98 34.79
CA GLU A 79 39.89 -16.30 34.97
C GLU A 79 39.25 -15.50 36.11
N LEU A 80 38.13 -14.84 35.79
CA LEU A 80 37.37 -14.03 36.74
C LEU A 80 35.97 -14.59 36.94
N THR A 81 35.55 -14.69 38.19
CA THR A 81 34.21 -15.18 38.52
C THR A 81 33.45 -14.17 39.40
N LEU A 82 33.98 -12.95 39.49
CA LEU A 82 33.40 -11.89 40.32
C LEU A 82 31.93 -11.61 39.99
N GLN A 83 31.17 -11.25 41.03
CA GLN A 83 29.73 -11.00 40.91
C GLN A 83 29.33 -9.61 41.40
N SER A 84 28.10 -9.20 41.10
CA SER A 84 27.57 -7.89 41.51
C SER A 84 26.04 -7.88 41.50
N GLY A 85 25.48 -6.73 41.87
CA GLY A 85 24.04 -6.48 41.77
C GLY A 85 23.75 -5.39 40.75
N ARG A 86 22.83 -4.49 41.11
CA ARG A 86 22.48 -3.36 40.24
C ARG A 86 23.57 -2.32 40.20
N TYR A 87 24.31 -2.20 41.30
CA TYR A 87 25.33 -1.17 41.46
C TYR A 87 26.72 -1.74 41.20
N VAL A 88 27.52 -0.99 40.45
CA VAL A 88 28.81 -1.45 39.93
C VAL A 88 28.62 -2.79 39.21
N ARG A 89 27.94 -2.72 38.06
CA ARG A 89 27.59 -3.90 37.26
C ARG A 89 28.82 -4.73 36.92
N VAL A 90 28.61 -6.02 36.68
CA VAL A 90 29.72 -6.94 36.42
C VAL A 90 30.43 -6.68 35.09
N HIS A 91 29.74 -6.01 34.16
CA HIS A 91 30.36 -5.62 32.87
C HIS A 91 30.84 -4.16 32.86
N ASP A 92 30.56 -3.44 33.94
CA ASP A 92 31.11 -2.10 34.17
C ASP A 92 32.36 -2.22 35.03
N ALA A 93 32.40 -3.27 35.85
CA ALA A 93 33.54 -3.56 36.72
C ALA A 93 34.63 -4.36 36.01
N ILE A 94 34.27 -5.02 34.91
CA ILE A 94 35.20 -5.86 34.16
C ILE A 94 36.16 -5.03 33.30
N PHE A 95 35.71 -3.84 32.89
CA PHE A 95 36.55 -2.90 32.15
C PHE A 95 37.31 -1.96 33.09
N ARG A 96 36.93 -1.98 34.37
CA ARG A 96 37.66 -1.26 35.41
C ARG A 96 38.90 -2.06 35.80
N LEU A 97 38.80 -3.39 35.69
CA LEU A 97 39.93 -4.28 35.92
C LEU A 97 40.88 -4.32 34.71
N ARG A 98 40.36 -3.87 33.56
CA ARG A 98 41.16 -3.70 32.34
C ARG A 98 42.15 -2.56 32.50
N LYS A 99 41.75 -1.55 33.27
CA LYS A 99 42.60 -0.40 33.61
C LYS A 99 43.70 -0.77 34.61
N GLN A 100 43.30 -1.39 35.72
CA GLN A 100 44.23 -1.76 36.81
C GLN A 100 45.27 -2.81 36.42
N LEU A 101 44.89 -3.73 35.54
CA LEU A 101 45.77 -4.82 35.11
C LEU A 101 46.71 -4.40 33.98
N ALA A 102 46.50 -3.19 33.45
CA ALA A 102 47.32 -2.65 32.36
C ALA A 102 48.71 -2.19 32.83
N GLU A 103 49.11 -2.61 34.02
CA GLU A 103 50.44 -2.32 34.56
C GLU A 103 51.18 -3.60 34.94
N GLY A 115 41.48 -8.16 24.43
CA GLY A 115 40.04 -8.41 24.48
C GLY A 115 39.63 -9.33 25.62
N ILE A 116 38.42 -9.10 26.13
CA ILE A 116 37.85 -9.92 27.22
C ILE A 116 36.89 -10.97 26.66
N GLU A 117 37.23 -12.24 26.85
CA GLU A 117 36.37 -13.34 26.41
C GLU A 117 35.39 -13.71 27.51
N VAL A 118 34.14 -13.91 27.13
CA VAL A 118 33.09 -14.25 28.09
C VAL A 118 32.81 -15.76 28.06
N GLU A 119 32.62 -16.34 29.24
CA GLU A 119 32.39 -17.78 29.38
C GLU A 119 30.96 -18.08 29.85
N SER A 120 30.61 -17.59 31.04
CA SER A 120 29.28 -17.82 31.61
C SER A 120 28.66 -16.52 32.12
N PHE A 121 27.38 -16.35 31.80
CA PHE A 121 26.63 -15.18 32.24
C PHE A 121 25.26 -15.59 32.78
N ILE A 122 25.00 -15.24 34.04
CA ILE A 122 23.72 -15.54 34.69
C ILE A 122 23.14 -14.29 35.33
N ILE A 123 21.85 -14.06 35.13
CA ILE A 123 21.13 -12.99 35.80
C ILE A 123 19.93 -13.57 36.55
N LYS A 124 19.97 -13.48 37.88
CA LYS A 124 18.84 -13.90 38.69
C LYS A 124 17.95 -12.71 38.98
N VAL A 125 16.78 -12.69 38.35
CA VAL A 125 15.82 -11.60 38.49
C VAL A 125 14.67 -12.01 39.42
N PRO A 126 14.42 -11.19 40.47
CA PRO A 126 13.30 -11.42 41.38
C PRO A 126 11.94 -11.22 40.70
N ALA A 127 11.01 -12.13 40.97
CA ALA A 127 9.66 -12.07 40.43
C ALA A 127 8.70 -12.71 41.42
N ASP A 128 7.61 -12.01 41.73
CA ASP A 128 6.62 -12.49 42.69
C ASP A 128 5.90 -13.77 42.24
N HIS A 129 5.77 -13.94 40.93
CA HIS A 129 5.18 -15.14 40.35
C HIS A 129 5.88 -15.51 39.05
N GLU A 130 5.63 -16.72 38.55
CA GLU A 130 6.24 -17.24 37.33
C GLU A 130 5.76 -16.51 36.07
N LEU A 131 6.53 -16.65 34.99
CA LEU A 131 6.23 -15.97 33.72
C LEU A 131 6.41 -16.90 32.53
N ARG A 132 5.64 -16.66 31.46
CA ARG A 132 5.67 -17.48 30.25
C ARG A 132 7.02 -17.41 29.52
N MET A 133 7.33 -18.47 28.77
CA MET A 133 8.57 -18.55 27.99
C MET A 133 8.59 -17.56 26.84
N LEU A 134 9.70 -16.82 26.72
CA LEU A 134 9.83 -15.78 25.70
C LEU A 134 11.23 -15.77 25.07
N LYS A 135 11.27 -15.62 23.75
CA LYS A 135 12.53 -15.51 23.03
C LYS A 135 12.93 -14.03 22.89
N VAL A 136 14.11 -13.71 23.41
CA VAL A 136 14.64 -12.35 23.42
C VAL A 136 16.12 -12.44 23.01
N PRO A 137 16.57 -11.57 22.08
CA PRO A 137 17.97 -11.61 21.66
C PRO A 137 18.94 -11.44 22.84
N TYR A 138 20.07 -12.14 22.77
CA TYR A 138 21.10 -12.19 23.81
C TYR A 138 20.70 -12.97 25.07
N ILE A 139 19.54 -13.64 25.02
CA ILE A 139 19.14 -14.58 26.06
C ILE A 139 19.24 -16.01 25.51
N LYS A 140 20.00 -16.85 26.21
CA LYS A 140 20.14 -18.25 25.83
C LYS A 140 19.14 -19.13 26.58
N SER A 141 18.98 -18.86 27.88
CA SER A 141 18.06 -19.64 28.71
C SER A 141 17.17 -18.74 29.55
N MET A 142 15.94 -19.19 29.77
CA MET A 142 14.99 -18.49 30.63
C MET A 142 14.25 -19.53 31.45
N GLU A 143 14.26 -19.38 32.78
CA GLU A 143 13.62 -20.34 33.66
C GLU A 143 12.90 -19.70 34.84
N ASN A 144 11.61 -20.04 34.98
CA ASN A 144 10.81 -19.66 36.14
C ASN A 144 10.86 -20.74 37.21
N ILE A 145 11.15 -20.32 38.44
CA ILE A 145 11.43 -21.24 39.54
C ILE A 145 10.51 -21.02 40.74
N GLU A 146 10.97 -21.45 41.92
CA GLU A 146 10.27 -21.22 43.18
C GLU A 146 10.90 -20.01 43.88
N GLY A 147 11.38 -19.07 43.08
CA GLY A 147 12.06 -17.85 43.58
C GLY A 147 11.84 -16.64 42.70
N GLY A 148 11.84 -16.85 41.39
CA GLY A 148 11.62 -15.78 40.41
C GLY A 148 11.89 -16.18 38.97
N ILE A 149 12.85 -15.50 38.36
CA ILE A 149 13.25 -15.73 36.96
C ILE A 149 14.76 -15.79 36.86
N GLN A 150 15.28 -16.84 36.20
CA GLN A 150 16.72 -16.98 36.01
C GLN A 150 17.07 -16.91 34.52
N LEU A 151 17.74 -15.80 34.16
CA LEU A 151 18.15 -15.57 32.78
C LEU A 151 19.60 -15.99 32.59
N GLU A 152 19.91 -16.52 31.40
CA GLU A 152 21.27 -16.86 31.04
C GLU A 152 21.63 -16.13 29.74
N LEU A 153 22.21 -14.95 29.89
CA LEU A 153 22.52 -14.09 28.75
C LEU A 153 23.75 -14.58 27.99
N GLU A 154 23.91 -14.12 26.74
CA GLU A 154 25.03 -14.54 25.91
C GLU A 154 25.67 -13.35 25.18
N VAL A 155 26.70 -12.79 25.81
CA VAL A 155 27.34 -11.56 25.33
C VAL A 155 28.85 -11.71 25.07
N GLY A 156 29.37 -10.85 24.20
CA GLY A 156 30.83 -10.68 24.04
C GLY A 156 31.24 -9.39 24.71
N GLU A 157 32.51 -8.98 24.55
CA GLU A 157 32.98 -7.72 25.15
C GLU A 157 32.38 -6.51 24.42
N ALA A 158 32.19 -6.65 23.11
CA ALA A 158 31.53 -5.63 22.30
C ALA A 158 30.08 -5.42 22.74
N GLU A 159 29.40 -6.52 23.08
CA GLU A 159 28.02 -6.48 23.59
C GLU A 159 27.93 -5.89 25.00
N MET A 160 28.97 -6.13 25.81
CA MET A 160 29.03 -5.56 27.15
C MET A 160 29.25 -4.04 27.09
N LYS A 161 30.09 -3.62 26.14
CA LYS A 161 30.37 -2.20 25.92
C LYS A 161 29.14 -1.42 25.44
N ASN A 162 28.29 -2.10 24.65
CA ASN A 162 27.10 -1.48 24.06
C ASN A 162 25.88 -1.48 24.98
N ARG A 163 26.07 -1.99 26.20
CA ARG A 163 25.08 -1.91 27.28
C ARG A 163 23.93 -2.94 27.16
N VAL A 164 24.22 -4.09 26.57
CA VAL A 164 23.20 -5.11 26.27
C VAL A 164 22.41 -5.62 27.50
N PRO A 165 23.12 -6.08 28.57
CA PRO A 165 22.43 -6.57 29.76
C PRO A 165 21.53 -5.54 30.45
N ASP A 166 21.75 -4.26 30.18
CA ASP A 166 20.95 -3.17 30.75
C ASP A 166 19.51 -3.18 30.23
N ARG A 167 19.38 -3.24 28.90
CA ARG A 167 18.08 -3.20 28.24
C ARG A 167 17.27 -4.47 28.45
N ILE A 168 17.97 -5.61 28.49
CA ILE A 168 17.35 -6.91 28.77
C ILE A 168 16.74 -6.91 30.17
N LEU A 169 17.50 -6.39 31.14
CA LEU A 169 17.03 -6.24 32.51
C LEU A 169 15.79 -5.34 32.56
N THR A 170 15.90 -4.14 31.97
CA THR A 170 14.82 -3.17 31.90
C THR A 170 13.53 -3.77 31.31
N LEU A 171 13.66 -4.46 30.17
CA LEU A 171 12.52 -5.10 29.51
C LEU A 171 11.89 -6.20 30.36
N LEU A 172 12.74 -7.12 30.84
CA LEU A 172 12.29 -8.21 31.70
C LEU A 172 11.63 -7.71 32.99
N GLU A 173 12.18 -6.63 33.55
CA GLU A 173 11.61 -5.99 34.73
C GLU A 173 10.26 -5.32 34.43
N GLU A 174 10.11 -4.85 33.20
CA GLU A 174 8.88 -4.20 32.74
C GLU A 174 7.78 -5.22 32.48
N LYS A 175 8.17 -6.43 32.09
CA LYS A 175 7.25 -7.55 31.90
C LYS A 175 6.76 -8.10 33.25
N ILE A 176 7.63 -8.07 34.25
CA ILE A 176 7.30 -8.52 35.60
C ILE A 176 6.53 -7.45 36.37
N GLU A 177 6.84 -6.19 36.09
CA GLU A 177 6.10 -5.06 36.66
C GLU A 177 4.64 -5.10 36.19
N ALA A 178 4.45 -5.46 34.93
CA ALA A 178 3.13 -5.60 34.33
C ALA A 178 2.42 -6.88 34.80
N ALA A 179 3.20 -7.87 35.23
CA ALA A 179 2.67 -9.18 35.63
C ALA A 179 1.82 -9.12 36.90
N LYS A 184 -3.96 -2.15 32.64
CA LYS A 184 -5.11 -3.03 32.45
C LYS A 184 -6.03 -2.51 31.33
N ALA A 185 -6.66 -1.36 31.59
CA ALA A 185 -7.68 -0.83 30.69
C ALA A 185 -7.41 0.61 30.27
N GLU A 186 -8.05 1.02 29.18
CA GLU A 186 -7.97 2.39 28.67
C GLU A 186 -8.62 3.36 29.64
N HIS A 187 -8.09 4.58 29.68
CA HIS A 187 -8.60 5.65 30.53
C HIS A 187 -9.70 6.44 29.81
N TRP A 188 -10.71 6.86 30.58
CA TRP A 188 -11.81 7.67 30.04
C TRP A 188 -12.47 8.52 31.12
N ASN A 189 -12.66 9.80 30.83
CA ASN A 189 -13.51 10.68 31.64
C ASN A 189 -14.05 11.85 30.84
N LEU A 190 -15.30 12.22 31.12
CA LEU A 190 -16.00 13.27 30.38
C LEU A 190 -15.48 14.67 30.72
N LEU A 191 -15.41 15.53 29.71
CA LEU A 191 -15.03 16.93 29.88
C LEU A 191 -16.24 17.84 29.62
N TRP A 192 -17.01 17.50 28.59
CA TRP A 192 -18.20 18.25 28.20
C TRP A 192 -19.05 17.40 27.27
N GLN A 193 -20.38 17.53 27.38
CA GLN A 193 -21.33 16.89 26.48
C GLN A 193 -22.45 17.87 26.17
N ARG A 194 -22.92 17.91 24.92
CA ARG A 194 -24.02 18.79 24.55
C ARG A 194 -25.36 18.22 25.04
N GLU A 195 -26.33 19.12 25.30
CA GLU A 195 -27.67 18.71 25.69
C GLU A 195 -28.25 17.73 24.67
N PRO A 196 -28.93 16.67 25.14
CA PRO A 196 -29.54 15.66 24.26
C PRO A 196 -30.43 16.27 23.19
N MET A 197 -30.43 15.66 22.02
CA MET A 197 -31.29 16.08 20.91
C MET A 197 -32.27 14.96 20.56
N GLU A 198 -33.29 15.31 19.79
CA GLU A 198 -34.19 14.31 19.22
C GLU A 198 -33.55 13.71 17.97
N HIS A 199 -33.73 12.41 17.79
CA HIS A 199 -33.08 11.69 16.72
C HIS A 199 -34.09 11.00 15.81
N PRO A 200 -34.63 11.74 14.83
CA PRO A 200 -35.71 11.23 13.97
C PRO A 200 -35.24 10.15 13.01
N PHE A 201 -33.93 10.10 12.76
CA PHE A 201 -33.34 9.08 11.90
C PHE A 201 -32.63 8.01 12.74
N LYS A 202 -33.03 6.76 12.53
CA LYS A 202 -32.63 5.64 13.39
C LYS A 202 -31.96 4.49 12.65
N GLU A 203 -31.77 4.64 11.36
CA GLU A 203 -31.22 3.57 10.53
C GLU A 203 -29.68 3.62 10.51
N ASP A 204 -29.05 2.49 10.25
CA ASP A 204 -27.60 2.40 10.07
C ASP A 204 -27.24 3.14 8.77
N PRO A 205 -26.38 4.18 8.86
CA PRO A 205 -26.10 5.03 7.69
C PRO A 205 -25.41 4.29 6.55
N THR A 206 -24.53 3.33 6.89
CA THR A 206 -23.89 2.47 5.89
C THR A 206 -24.90 1.62 5.11
N GLN A 207 -25.86 1.01 5.83
CA GLN A 207 -26.95 0.26 5.19
C GLN A 207 -27.78 1.17 4.29
N ALA A 208 -28.10 2.35 4.81
CA ALA A 208 -28.85 3.37 4.09
C ALA A 208 -28.09 3.83 2.84
N MET A 209 -26.77 3.91 2.95
CA MET A 209 -25.92 4.31 1.84
C MET A 209 -25.81 3.23 0.76
N MET A 210 -25.68 1.97 1.19
CA MET A 210 -25.63 0.85 0.25
C MET A 210 -26.95 0.68 -0.50
N LYS A 211 -28.07 0.80 0.21
CA LYS A 211 -29.40 0.67 -0.39
C LYS A 211 -29.67 1.75 -1.42
N GLU A 212 -29.13 2.95 -1.17
CA GLU A 212 -29.44 4.11 -1.98
C GLU A 212 -28.33 4.46 -2.99
N GLY A 213 -27.35 3.56 -3.10
CA GLY A 213 -26.30 3.64 -4.12
C GLY A 213 -25.27 4.72 -3.88
N TRP A 214 -25.04 5.05 -2.62
CA TRP A 214 -24.06 6.05 -2.23
C TRP A 214 -22.62 5.51 -2.29
N LEU A 215 -22.46 4.24 -1.97
CA LEU A 215 -21.15 3.60 -1.92
C LEU A 215 -21.29 2.09 -2.12
N LYS A 216 -20.15 1.41 -2.24
CA LYS A 216 -20.12 -0.05 -2.37
C LYS A 216 -18.85 -0.59 -1.74
N ARG A 217 -18.85 -1.88 -1.40
CA ARG A 217 -17.69 -2.51 -0.79
C ARG A 217 -16.55 -2.72 -1.79
N GLY A 218 -15.35 -2.35 -1.36
CA GLY A 218 -14.15 -2.58 -2.16
C GLY A 218 -13.70 -4.01 -2.04
N SER A 219 -12.68 -4.39 -2.80
CA SER A 219 -12.24 -5.79 -2.79
C SER A 219 -11.51 -6.19 -1.51
N SER A 220 -10.78 -5.25 -0.92
CA SER A 220 -9.96 -5.57 0.23
C SER A 220 -10.77 -5.53 1.51
N ARG A 221 -10.22 -6.15 2.55
CA ARG A 221 -10.81 -6.20 3.90
C ARG A 221 -11.15 -4.79 4.38
N GLY A 222 -12.35 -4.61 4.93
CA GLY A 222 -12.80 -3.34 5.50
C GLY A 222 -12.51 -2.14 4.61
N GLN A 223 -12.94 -2.23 3.36
CA GLN A 223 -12.60 -1.26 2.34
C GLN A 223 -13.84 -0.88 1.54
N TRP A 224 -13.96 0.40 1.23
CA TRP A 224 -15.13 0.94 0.55
C TRP A 224 -14.76 1.74 -0.70
N ILE A 225 -15.66 1.70 -1.68
CA ILE A 225 -15.57 2.54 -2.87
C ILE A 225 -16.70 3.56 -2.75
N HIS A 226 -16.36 4.84 -2.83
CA HIS A 226 -17.35 5.90 -2.64
C HIS A 226 -17.88 6.44 -3.96
N GLY A 227 -19.18 6.20 -4.20
CA GLY A 227 -19.88 6.77 -5.34
C GLY A 227 -20.04 8.28 -5.19
N PRO A 228 -20.50 8.96 -6.27
CA PRO A 228 -20.59 10.43 -6.28
C PRO A 228 -21.21 11.08 -5.04
N GLN A 229 -22.28 10.51 -4.49
CA GLN A 229 -22.98 11.11 -3.33
C GLN A 229 -22.13 11.10 -2.06
N SER A 230 -21.56 9.95 -1.74
CA SER A 230 -20.73 9.79 -0.56
C SER A 230 -19.42 10.59 -0.68
N ALA A 231 -18.90 10.70 -1.90
CA ALA A 231 -17.71 11.50 -2.19
C ALA A 231 -17.98 12.98 -1.98
N ARG A 232 -19.19 13.42 -2.31
CA ARG A 232 -19.60 14.81 -2.12
C ARG A 232 -19.60 15.17 -0.63
N ILE A 233 -20.03 14.23 0.19
CA ILE A 233 -20.03 14.38 1.64
C ILE A 233 -18.62 14.52 2.22
N PHE A 234 -17.71 13.66 1.79
CA PHE A 234 -16.30 13.70 2.20
C PHE A 234 -15.63 15.04 1.84
N ARG A 235 -15.83 15.51 0.61
CA ARG A 235 -15.24 16.77 0.15
C ARG A 235 -15.84 18.02 0.82
N THR A 236 -17.10 17.93 1.23
CA THR A 236 -17.76 19.02 1.97
C THR A 236 -17.23 19.14 3.40
N PHE A 237 -16.95 18.01 4.03
CA PHE A 237 -16.31 17.99 5.35
C PHE A 237 -14.90 18.60 5.27
N GLU A 238 -14.18 18.27 4.20
CA GLU A 238 -12.82 18.79 3.98
C GLU A 238 -12.83 20.29 3.73
N LYS A 239 -13.79 20.76 2.94
CA LYS A 239 -14.03 22.18 2.69
C LYS A 239 -14.34 22.94 3.99
N ILE A 240 -15.15 22.34 4.86
CA ILE A 240 -15.47 22.92 6.16
C ILE A 240 -14.23 23.05 7.05
N VAL A 241 -13.46 21.98 7.15
CA VAL A 241 -12.24 21.98 7.96
C VAL A 241 -11.24 23.01 7.41
N LEU A 242 -11.14 23.10 6.09
CA LEU A 242 -10.29 24.09 5.44
C LEU A 242 -10.77 25.53 5.72
N GLU A 243 -12.03 25.82 5.40
CA GLU A 243 -12.56 27.19 5.44
C GLU A 243 -12.88 27.70 6.85
N GLU A 244 -13.36 26.79 7.71
CA GLU A 244 -13.82 27.19 9.03
C GLU A 244 -12.77 27.01 10.11
N LEU A 245 -11.74 26.23 9.82
CA LEU A 245 -10.70 25.95 10.82
C LEU A 245 -9.28 26.28 10.35
N LEU A 246 -8.81 25.58 9.30
CA LEU A 246 -7.41 25.65 8.90
C LEU A 246 -6.97 27.02 8.36
N GLU A 247 -7.80 27.64 7.54
CA GLU A 247 -7.48 28.95 6.99
C GLU A 247 -7.52 30.08 8.03
N PRO A 248 -8.62 30.20 8.81
CA PRO A 248 -8.65 31.26 9.82
C PRO A 248 -7.59 31.11 10.92
N LEU A 249 -7.15 29.88 11.17
CA LEU A 249 -6.10 29.64 12.15
C LEU A 249 -4.70 29.75 11.56
N GLY A 250 -4.62 29.95 10.25
CA GLY A 250 -3.34 30.19 9.57
C GLY A 250 -2.45 28.97 9.38
N TYR A 251 -3.08 27.83 9.08
CA TYR A 251 -2.36 26.59 8.81
C TYR A 251 -1.99 26.51 7.34
N ARG A 252 -0.83 25.93 7.06
CA ARG A 252 -0.36 25.78 5.69
C ARG A 252 -0.36 24.33 5.25
N GLU A 253 -0.89 24.06 4.07
CA GLU A 253 -0.93 22.70 3.56
C GLU A 253 0.45 22.19 3.18
N MET A 254 0.68 20.92 3.53
CA MET A 254 1.85 20.18 3.07
C MET A 254 1.40 18.83 2.52
N ILE A 255 2.33 18.11 1.90
CA ILE A 255 2.07 16.74 1.47
C ILE A 255 3.04 15.80 2.19
N PHE A 256 2.49 15.00 3.11
CA PHE A 256 3.29 14.03 3.87
C PHE A 256 3.34 12.71 3.08
N PRO A 257 4.50 12.02 3.11
CA PRO A 257 4.62 10.68 2.51
C PRO A 257 3.64 9.70 3.14
N LYS A 258 3.18 8.73 2.34
CA LYS A 258 2.23 7.72 2.79
C LYS A 258 2.86 6.33 2.99
N LEU A 259 4.01 6.08 2.35
CA LEU A 259 4.79 4.88 2.63
C LEU A 259 5.76 5.21 3.74
N VAL A 260 5.58 4.56 4.88
CA VAL A 260 6.37 4.86 6.07
C VAL A 260 7.42 3.77 6.33
N THR A 261 8.66 4.20 6.51
CA THR A 261 9.79 3.28 6.70
C THR A 261 10.01 3.01 8.18
N TRP A 262 10.83 2.00 8.49
CA TRP A 262 11.18 1.72 9.87
C TRP A 262 11.88 2.89 10.55
N GLU A 263 12.72 3.61 9.79
CA GLU A 263 13.44 4.76 10.30
C GLU A 263 12.50 5.75 10.97
N VAL A 264 11.42 6.10 10.29
CA VAL A 264 10.37 6.97 10.83
C VAL A 264 9.76 6.41 12.13
N TRP A 265 9.41 5.13 12.12
CA TRP A 265 8.69 4.51 13.25
C TRP A 265 9.62 4.19 14.41
N MET A 266 10.91 4.08 14.13
CA MET A 266 11.94 4.04 15.16
C MET A 266 12.03 5.39 15.89
N LYS A 267 11.97 6.48 15.13
CA LYS A 267 12.06 7.82 15.71
C LYS A 267 10.77 8.24 16.43
N SER A 268 9.62 7.79 15.91
CA SER A 268 8.32 8.12 16.50
C SER A 268 7.90 7.21 17.65
N GLY A 269 8.64 6.14 17.89
CA GLY A 269 8.31 5.20 18.95
C GLY A 269 7.36 4.07 18.58
N HIS A 270 6.74 4.17 17.41
CA HIS A 270 5.82 3.13 16.92
C HIS A 270 6.48 1.76 16.80
N ALA A 271 7.78 1.74 16.56
CA ALA A 271 8.55 0.50 16.47
C ALA A 271 8.59 -0.27 17.79
N LYS A 272 7.98 0.29 18.83
CA LYS A 272 7.87 -0.37 20.13
C LYS A 272 6.68 -1.31 20.29
N GLY A 273 5.68 -1.21 19.42
CA GLY A 273 4.51 -2.10 19.54
C GLY A 273 3.37 -1.97 18.54
N VAL A 274 3.58 -1.28 17.42
CA VAL A 274 2.51 -1.03 16.45
C VAL A 274 2.20 -2.24 15.55
N TYR A 275 3.09 -3.22 15.57
CA TYR A 275 3.07 -4.39 14.68
C TYR A 275 1.71 -5.10 14.40
N PRO A 276 0.88 -5.35 15.44
CA PRO A 276 -0.42 -6.03 15.18
C PRO A 276 -1.38 -5.39 14.17
N GLU A 277 -1.25 -4.09 13.92
CA GLU A 277 -2.22 -3.36 13.09
C GLU A 277 -1.68 -2.83 11.76
N ILE A 278 -0.41 -3.11 11.48
CA ILE A 278 0.26 -2.58 10.28
C ILE A 278 -0.04 -3.40 9.02
N TYR A 279 -0.28 -2.70 7.91
CA TYR A 279 -0.24 -3.29 6.59
C TYR A 279 1.17 -3.12 6.01
N TYR A 280 1.92 -4.22 6.02
CA TYR A 280 3.33 -4.21 5.68
C TYR A 280 3.58 -4.10 4.18
N VAL A 281 4.60 -3.33 3.82
CA VAL A 281 4.96 -3.16 2.42
C VAL A 281 6.34 -3.77 2.14
N CYS A 282 6.37 -4.60 1.10
CA CYS A 282 7.59 -5.24 0.65
C CYS A 282 7.81 -4.90 -0.80
N PRO A 283 9.00 -4.34 -1.13
CA PRO A 283 9.33 -4.19 -2.54
C PRO A 283 9.68 -5.56 -3.13
N PRO A 284 9.70 -5.67 -4.48
CA PRO A 284 10.22 -6.90 -5.08
C PRO A 284 11.72 -7.01 -4.80
N GLN A 285 12.26 -8.23 -4.80
CA GLN A 285 13.70 -8.38 -4.58
C GLN A 285 14.50 -7.78 -5.75
N THR A 286 13.95 -7.89 -6.96
CA THR A 286 14.53 -7.24 -8.14
C THR A 286 13.42 -6.89 -9.16
N ARG A 287 13.72 -5.97 -10.07
CA ARG A 287 12.79 -5.56 -11.13
C ARG A 287 13.00 -6.37 -12.41
N ASP A 288 13.95 -7.30 -12.36
CA ASP A 288 14.28 -8.14 -13.51
C ASP A 288 13.07 -9.00 -13.89
N PRO A 289 12.53 -8.77 -15.11
CA PRO A 289 11.37 -9.53 -15.63
C PRO A 289 11.61 -11.04 -15.63
N ASP A 290 12.83 -11.47 -15.95
CA ASP A 290 13.19 -12.89 -15.96
C ASP A 290 12.91 -13.55 -14.61
N TYR A 291 13.10 -12.77 -13.55
CA TYR A 291 12.92 -13.22 -12.18
C TYR A 291 11.44 -13.40 -11.81
N TRP A 292 10.58 -12.67 -12.51
CA TRP A 292 9.14 -12.69 -12.26
C TRP A 292 8.36 -13.49 -13.31
N GLU A 293 9.07 -13.99 -14.31
CA GLU A 293 8.44 -14.72 -15.42
C GLU A 293 7.70 -15.97 -14.91
N GLU A 294 8.30 -16.67 -13.95
CA GLU A 294 7.70 -17.87 -13.37
C GLU A 294 6.32 -17.59 -12.77
N VAL A 295 6.20 -16.46 -12.06
CA VAL A 295 4.94 -16.03 -11.43
C VAL A 295 3.90 -15.67 -12.50
N ALA A 296 4.31 -14.85 -13.46
CA ALA A 296 3.45 -14.45 -14.58
C ALA A 296 2.97 -15.67 -15.37
N ASP A 297 3.91 -16.54 -15.73
CA ASP A 297 3.59 -17.78 -16.48
C ASP A 297 2.66 -18.70 -15.69
N TYR A 298 2.86 -18.76 -14.37
CA TYR A 298 2.02 -19.58 -13.52
C TYR A 298 0.59 -19.06 -13.54
N TYR A 299 0.43 -17.74 -13.43
CA TYR A 299 -0.89 -17.12 -13.45
C TYR A 299 -1.61 -17.32 -14.79
N LYS A 300 -0.89 -17.10 -15.89
CA LYS A 300 -1.49 -17.18 -17.23
C LYS A 300 -2.06 -18.56 -17.57
N VAL A 301 -1.43 -19.60 -17.05
CA VAL A 301 -1.89 -20.97 -17.30
C VAL A 301 -3.02 -21.41 -16.35
N THR A 302 -2.92 -21.07 -15.06
CA THR A 302 -3.84 -21.59 -14.03
C THR A 302 -5.01 -20.66 -13.68
N HIS A 303 -4.86 -19.37 -14.02
CA HIS A 303 -5.73 -18.27 -13.54
C HIS A 303 -5.77 -18.08 -12.01
N GLU A 304 -4.72 -18.55 -11.35
CA GLU A 304 -4.52 -18.25 -9.93
C GLU A 304 -3.14 -17.67 -9.68
N VAL A 305 -3.10 -16.55 -8.97
CA VAL A 305 -1.83 -15.94 -8.63
C VAL A 305 -1.16 -16.73 -7.50
N PRO A 306 0.12 -17.12 -7.71
CA PRO A 306 0.86 -17.92 -6.74
C PRO A 306 1.39 -17.08 -5.58
N THR A 307 0.53 -16.80 -4.61
CA THR A 307 0.86 -15.90 -3.48
C THR A 307 2.02 -16.38 -2.61
N LYS A 308 2.19 -17.69 -2.51
CA LYS A 308 3.26 -18.32 -1.74
C LYS A 308 4.63 -18.14 -2.41
N LEU A 309 4.67 -18.27 -3.72
CA LEU A 309 5.90 -18.04 -4.49
C LEU A 309 6.25 -16.55 -4.55
N ILE A 310 5.23 -15.70 -4.65
CA ILE A 310 5.42 -14.25 -4.63
C ILE A 310 6.04 -13.79 -3.31
N LYS A 311 5.63 -14.41 -2.22
CA LYS A 311 6.16 -14.10 -0.89
C LYS A 311 7.66 -14.41 -0.78
N GLU A 312 8.13 -15.43 -1.47
CA GLU A 312 9.56 -15.74 -1.51
C GLU A 312 10.34 -14.74 -2.34
N LYS A 313 9.67 -14.17 -3.35
CA LYS A 313 10.30 -13.30 -4.33
C LYS A 313 10.29 -11.82 -3.97
N ILE A 314 9.56 -11.46 -2.91
CA ILE A 314 9.57 -10.09 -2.42
C ILE A 314 10.58 -9.93 -1.29
N ALA A 315 11.02 -8.71 -1.07
CA ALA A 315 12.00 -8.41 -0.04
C ALA A 315 11.32 -8.41 1.31
N GLU A 316 12.12 -8.39 2.37
CA GLU A 316 11.59 -8.20 3.72
C GLU A 316 10.90 -6.84 3.77
N PRO A 317 9.95 -6.65 4.70
CA PRO A 317 9.24 -5.37 4.67
C PRO A 317 10.14 -4.16 4.98
N ILE A 318 9.93 -3.08 4.23
CA ILE A 318 10.69 -1.83 4.42
C ILE A 318 10.00 -0.92 5.42
N GLY A 319 8.79 -1.31 5.79
CA GLY A 319 7.95 -0.55 6.71
C GLY A 319 6.52 -0.96 6.42
N GLY A 320 5.66 0.04 6.37
CA GLY A 320 4.25 -0.22 6.14
C GLY A 320 3.52 1.01 5.64
N MET A 321 2.22 0.84 5.41
N MET A 321 2.22 0.85 5.42
CA MET A 321 1.38 1.93 4.91
CA MET A 321 1.40 1.93 4.91
C MET A 321 1.06 2.92 6.03
C MET A 321 1.03 2.91 6.02
N CYS A 322 0.73 4.14 5.62
CA CYS A 322 0.39 5.23 6.55
C CYS A 322 -0.58 4.76 7.64
N TYR A 323 -0.16 4.90 8.89
CA TYR A 323 -0.89 4.42 10.03
C TYR A 323 -1.39 5.58 10.91
N ALA A 324 -0.47 6.43 11.33
CA ALA A 324 -0.79 7.57 12.19
C ALA A 324 -0.68 8.91 11.44
N GLN A 325 -0.11 8.84 10.23
CA GLN A 325 -0.05 9.95 9.26
C GLN A 325 0.98 11.03 9.57
N CYS A 326 1.06 11.45 10.84
CA CYS A 326 1.96 12.53 11.20
C CYS A 326 3.46 12.18 11.23
N PRO A 327 3.81 10.93 11.64
CA PRO A 327 5.25 10.61 11.72
C PRO A 327 6.14 10.91 10.49
N PRO A 328 5.70 10.52 9.26
CA PRO A 328 6.56 10.84 8.10
C PRO A 328 6.75 12.34 7.81
N PHE A 329 5.91 13.19 8.39
CA PHE A 329 6.12 14.62 8.25
C PHE A 329 7.43 15.00 8.93
N TRP A 330 7.71 14.33 10.05
CA TRP A 330 8.79 14.73 10.93
C TRP A 330 10.19 14.62 10.34
N MET A 331 10.33 13.86 9.24
CA MET A 331 11.59 13.82 8.48
C MET A 331 11.89 15.16 7.79
N TYR A 332 10.86 15.99 7.62
CA TYR A 332 11.01 17.33 7.07
C TYR A 332 11.74 18.27 8.03
N VAL A 333 11.55 18.07 9.33
CA VAL A 333 12.18 18.90 10.36
C VAL A 333 13.31 18.21 11.12
N ALA A 334 13.56 16.94 10.80
CA ALA A 334 14.54 16.11 11.51
C ALA A 334 15.97 16.65 11.41
N GLY A 335 16.62 16.81 12.56
CA GLY A 335 18.00 17.32 12.65
C GLY A 335 18.13 18.82 12.45
N GLU A 336 17.00 19.49 12.24
CA GLU A 336 17.00 20.92 11.95
C GLU A 336 16.81 21.74 13.22
N THR A 337 17.22 23.00 13.15
CA THR A 337 17.00 23.95 14.21
C THR A 337 16.12 25.04 13.64
N LEU A 338 15.01 25.32 14.33
CA LEU A 338 14.09 26.35 13.91
C LEU A 338 14.44 27.71 14.55
N PRO A 339 14.49 28.79 13.75
CA PRO A 339 14.57 30.12 14.34
C PRO A 339 13.28 30.40 15.11
N ASN A 340 13.39 31.18 16.18
CA ASN A 340 12.25 31.45 17.06
C ASN A 340 11.09 32.21 16.41
N GLU A 341 11.40 32.96 15.35
CA GLU A 341 10.36 33.67 14.61
C GLU A 341 9.55 32.73 13.70
N GLU A 342 10.04 31.50 13.53
CA GLU A 342 9.39 30.52 12.66
C GLU A 342 8.28 29.73 13.34
N ILE A 343 8.25 29.76 14.67
CA ILE A 343 7.22 29.05 15.47
C ILE A 343 6.10 30.00 15.91
N PRO A 344 4.87 29.46 16.14
CA PRO A 344 4.47 28.06 15.95
C PRO A 344 4.42 27.64 14.47
N VAL A 345 4.92 26.44 14.18
CA VAL A 345 4.78 25.84 12.87
C VAL A 345 3.42 25.12 12.83
N LYS A 346 2.57 25.55 11.91
CA LYS A 346 1.18 25.11 11.83
C LYS A 346 0.85 24.58 10.43
N VAL A 347 0.65 23.27 10.37
CA VAL A 347 0.69 22.56 9.12
C VAL A 347 -0.38 21.46 9.06
N PHE A 348 -0.85 21.10 7.86
CA PHE A 348 -1.79 20.00 7.69
C PHE A 348 -1.56 19.18 6.41
N ASP A 349 -2.01 17.92 6.45
CA ASP A 349 -1.96 17.03 5.29
C ASP A 349 -3.32 16.34 5.06
N ARG A 350 -3.67 16.14 3.79
CA ARG A 350 -4.87 15.40 3.36
C ARG A 350 -4.64 14.77 2.00
N SER A 351 -3.53 14.05 1.86
CA SER A 351 -3.04 13.63 0.54
C SER A 351 -3.17 12.13 0.27
N GLY A 352 -3.82 11.42 1.18
CA GLY A 352 -3.97 9.99 0.99
C GLY A 352 -4.63 9.21 2.10
N THR A 353 -4.50 7.90 1.98
CA THR A 353 -5.19 6.97 2.82
C THR A 353 -4.30 6.46 3.95
N SER A 354 -4.94 6.15 5.07
CA SER A 354 -4.31 5.44 6.16
C SER A 354 -4.84 4.01 6.16
N HIS A 355 -4.00 3.08 6.58
CA HIS A 355 -4.35 1.66 6.59
C HIS A 355 -4.05 1.02 7.95
N ARG A 356 -5.07 0.40 8.54
CA ARG A 356 -4.92 -0.30 9.82
C ARG A 356 -5.65 -1.63 9.73
N TYR A 357 -4.98 -2.70 10.18
CA TYR A 357 -5.60 -4.00 10.26
C TYR A 357 -6.45 -4.07 11.54
N GLU A 358 -7.69 -3.59 11.44
CA GLU A 358 -8.65 -3.60 12.55
C GLU A 358 -9.17 -5.00 12.89
N SER A 359 -9.91 -5.12 13.99
CA SER A 359 -10.47 -6.41 14.42
C SER A 359 -11.49 -6.94 13.42
N GLY A 360 -11.63 -8.27 13.41
CA GLY A 360 -12.49 -8.96 12.43
C GLY A 360 -13.96 -8.66 12.57
N GLY A 361 -14.71 -8.91 11.50
CA GLY A 361 -16.15 -8.74 11.47
C GLY A 361 -16.58 -7.78 10.39
N ILE A 362 -17.85 -7.85 10.00
CA ILE A 362 -18.46 -6.91 9.06
C ILE A 362 -18.88 -5.64 9.81
N HIS A 363 -18.30 -4.51 9.41
CA HIS A 363 -18.62 -3.21 9.98
C HIS A 363 -19.06 -2.27 8.87
N GLY A 364 -19.63 -1.12 9.25
CA GLY A 364 -19.92 -0.07 8.29
C GLY A 364 -18.70 0.80 8.12
N ILE A 365 -18.90 2.00 7.57
CA ILE A 365 -17.80 2.94 7.37
C ILE A 365 -17.29 3.53 8.69
N GLU A 366 -17.93 3.18 9.79
CA GLU A 366 -17.49 3.63 11.10
C GLU A 366 -16.19 2.92 11.53
N ARG A 367 -15.98 1.71 11.00
CA ARG A 367 -14.75 0.97 11.28
C ARG A 367 -14.21 0.28 10.04
N VAL A 368 -13.14 0.84 9.50
CA VAL A 368 -12.59 0.41 8.22
C VAL A 368 -11.09 0.13 8.30
N ASP A 369 -10.59 -0.67 7.36
CA ASP A 369 -9.15 -0.97 7.24
C ASP A 369 -8.43 0.06 6.36
N GLU A 370 -9.18 0.82 5.58
CA GLU A 370 -8.61 1.89 4.75
C GLU A 370 -9.43 3.16 4.96
N PHE A 371 -8.78 4.22 5.45
CA PHE A 371 -9.54 5.45 5.72
C PHE A 371 -8.89 6.75 5.24
N HIS A 372 -9.65 7.84 5.36
CA HIS A 372 -9.24 9.14 4.84
C HIS A 372 -9.27 10.16 5.96
N ARG A 373 -8.09 10.67 6.31
CA ARG A 373 -7.95 11.57 7.43
C ARG A 373 -7.24 12.87 7.03
N ILE A 374 -7.63 13.96 7.68
CA ILE A 374 -6.88 15.20 7.62
C ILE A 374 -6.00 15.29 8.87
N GLU A 375 -4.69 15.17 8.70
CA GLU A 375 -3.76 15.28 9.81
C GLU A 375 -3.33 16.72 10.00
N ILE A 376 -3.56 17.24 11.20
CA ILE A 376 -3.22 18.62 11.54
C ILE A 376 -2.08 18.56 12.56
N VAL A 377 -0.96 19.21 12.25
CA VAL A 377 0.23 19.17 13.12
C VAL A 377 0.68 20.58 13.47
N TRP A 378 1.01 20.80 14.74
CA TRP A 378 1.62 22.08 15.16
C TRP A 378 2.83 21.87 16.07
N ILE A 379 3.80 22.78 15.98
CA ILE A 379 5.06 22.70 16.72
C ILE A 379 5.37 24.08 17.30
N GLY A 380 5.84 24.13 18.54
CA GLY A 380 6.28 25.38 19.15
C GLY A 380 6.72 25.19 20.58
N THR A 381 6.71 26.29 21.34
CA THR A 381 6.92 26.20 22.79
C THR A 381 5.70 25.54 23.43
N LYS A 382 5.87 25.03 24.64
CA LYS A 382 4.78 24.41 25.40
C LYS A 382 3.53 25.30 25.43
N GLU A 383 3.73 26.58 25.73
CA GLU A 383 2.66 27.56 25.80
C GLU A 383 1.92 27.73 24.47
N GLU A 384 2.67 27.75 23.37
CA GLU A 384 2.07 27.90 22.03
C GLU A 384 1.31 26.64 21.62
N VAL A 385 1.84 25.48 21.99
CA VAL A 385 1.21 24.20 21.66
C VAL A 385 -0.14 24.06 22.36
N LEU A 386 -0.17 24.42 23.65
CA LEU A 386 -1.42 24.46 24.41
C LEU A 386 -2.40 25.50 23.87
N LYS A 387 -1.89 26.65 23.45
CA LYS A 387 -2.72 27.71 22.85
C LYS A 387 -3.30 27.28 21.51
N CYS A 388 -2.49 26.64 20.67
CA CYS A 388 -2.95 26.10 19.38
C CYS A 388 -4.05 25.05 19.54
N ALA A 389 -3.89 24.15 20.51
CA ALA A 389 -4.91 23.16 20.84
C ALA A 389 -6.25 23.79 21.22
N GLU A 390 -6.20 24.88 22.00
CA GLU A 390 -7.43 25.56 22.41
C GLU A 390 -8.10 26.31 21.26
N GLU A 391 -7.29 26.86 20.37
CA GLU A 391 -7.78 27.49 19.14
C GLU A 391 -8.60 26.52 18.30
N LEU A 392 -8.12 25.27 18.19
CA LEU A 392 -8.78 24.21 17.46
C LEU A 392 -10.09 23.77 18.11
N HIS A 393 -10.08 23.60 19.43
CA HIS A 393 -11.29 23.27 20.20
C HIS A 393 -12.40 24.30 19.97
N ASP A 394 -12.03 25.58 19.90
CA ASP A 394 -12.99 26.67 19.65
C ASP A 394 -13.58 26.58 18.24
N ARG A 395 -12.76 26.21 17.27
CA ARG A 395 -13.21 26.04 15.88
C ARG A 395 -14.02 24.77 15.66
N TYR A 396 -13.65 23.71 16.37
CA TYR A 396 -14.41 22.45 16.30
C TYR A 396 -15.79 22.62 16.95
N MET A 397 -15.84 23.32 18.08
CA MET A 397 -17.09 23.63 18.75
C MET A 397 -18.08 24.33 17.82
N HIS A 398 -17.63 25.40 17.17
CA HIS A 398 -18.43 26.12 16.17
C HIS A 398 -18.93 25.22 15.04
N ILE A 399 -18.04 24.37 14.50
CA ILE A 399 -18.41 23.47 13.40
C ILE A 399 -19.55 22.52 13.80
N PHE A 400 -19.34 21.79 14.89
CA PHE A 400 -20.26 20.74 15.31
C PHE A 400 -21.58 21.27 15.87
N ASN A 401 -21.55 22.49 16.44
CA ASN A 401 -22.74 23.16 16.94
C ASN A 401 -23.54 23.90 15.88
N ASP A 402 -22.83 24.63 15.02
CA ASP A 402 -23.49 25.59 14.11
C ASP A 402 -23.66 25.10 12.68
N ILE A 403 -22.73 24.27 12.20
CA ILE A 403 -22.79 23.77 10.83
C ILE A 403 -23.41 22.37 10.75
N LEU A 404 -22.79 21.40 11.42
CA LEU A 404 -23.31 20.03 11.43
C LEU A 404 -24.50 19.89 12.38
N ASP A 405 -24.53 20.75 13.40
CA ASP A 405 -25.55 20.72 14.45
C ASP A 405 -25.80 19.30 14.97
N ILE A 406 -24.74 18.63 15.39
CA ILE A 406 -24.81 17.26 15.88
C ILE A 406 -24.79 17.21 17.41
N GLU A 407 -25.16 16.04 17.96
CA GLU A 407 -25.00 15.79 19.39
C GLU A 407 -23.67 15.10 19.63
N TRP A 408 -22.82 15.75 20.43
CA TRP A 408 -21.43 15.33 20.59
C TRP A 408 -20.87 15.64 21.96
N ARG A 409 -19.69 15.08 22.25
CA ARG A 409 -19.02 15.29 23.53
C ARG A 409 -17.50 15.20 23.39
N LYS A 410 -16.80 15.68 24.41
CA LYS A 410 -15.35 15.55 24.50
C LYS A 410 -14.97 14.79 25.76
N ALA A 411 -13.92 14.00 25.67
CA ALA A 411 -13.43 13.20 26.79
C ALA A 411 -11.91 13.06 26.78
N ARG A 412 -11.31 13.09 27.97
CA ARG A 412 -9.89 12.75 28.15
C ARG A 412 -9.70 11.25 28.07
N VAL A 413 -8.75 10.81 27.24
CA VAL A 413 -8.46 9.39 27.07
C VAL A 413 -6.96 9.09 27.14
N THR A 414 -6.60 7.82 26.93
CA THR A 414 -5.20 7.41 26.80
C THR A 414 -4.59 8.08 25.57
N PRO A 415 -3.46 8.80 25.75
CA PRO A 415 -2.70 9.40 24.65
C PRO A 415 -2.55 8.45 23.46
N TRP A 416 -2.90 8.93 22.27
CA TRP A 416 -2.87 8.13 21.04
C TRP A 416 -1.54 7.40 20.85
N PHE A 417 -0.44 8.09 21.18
CA PHE A 417 0.91 7.56 20.98
C PHE A 417 1.24 6.41 21.92
N MET A 418 0.74 6.46 23.16
CA MET A 418 0.93 5.38 24.13
C MET A 418 0.17 4.10 23.73
N ALA A 419 -1.08 4.27 23.28
CA ALA A 419 -1.90 3.16 22.80
C ALA A 419 -1.27 2.45 21.59
N GLN A 420 -0.76 3.24 20.65
CA GLN A 420 -0.21 2.74 19.38
C GLN A 420 1.18 2.11 19.49
N GLU A 421 1.83 2.24 20.64
CA GLU A 421 3.07 1.51 20.91
C GLU A 421 2.98 0.60 22.14
N GLY A 422 1.78 0.10 22.42
CA GLY A 422 1.56 -0.96 23.42
C GLY A 422 1.19 -0.56 24.84
N LEU A 423 1.14 0.73 25.13
CA LEU A 423 0.85 1.22 26.49
C LEU A 423 -0.58 1.73 26.68
N LEU A 424 -1.01 1.81 27.94
CA LEU A 424 -2.32 2.35 28.28
C LEU A 424 -2.21 3.30 29.47
N GLY A 425 -3.36 3.70 30.01
CA GLY A 425 -3.42 4.60 31.15
C GLY A 425 -3.40 6.06 30.76
N LEU A 426 -2.52 6.83 31.39
CA LEU A 426 -2.44 8.26 31.16
C LEU A 426 -0.99 8.73 31.12
N ALA A 427 -0.74 9.87 30.48
CA ALA A 427 0.60 10.45 30.40
C ALA A 427 1.08 10.94 31.78
N GLU A 428 2.40 11.05 31.93
CA GLU A 428 3.01 11.50 33.18
C GLU A 428 2.77 12.99 33.46
N GLU A 429 2.84 13.81 32.41
CA GLU A 429 2.49 15.22 32.51
C GLU A 429 1.01 15.41 32.23
N ASN A 430 0.36 16.27 33.03
CA ASN A 430 -1.08 16.50 32.93
C ASN A 430 -1.52 17.28 31.69
N THR A 431 -0.64 18.12 31.15
CA THR A 431 -0.95 18.87 29.93
C THR A 431 -0.82 17.98 28.69
N VAL A 432 -0.05 16.91 28.80
CA VAL A 432 0.16 15.94 27.74
C VAL A 432 -0.98 14.91 27.72
N GLY A 433 -1.55 14.66 26.54
CA GLY A 433 -2.60 13.66 26.38
C GLY A 433 -3.51 13.88 25.18
N THR A 434 -4.56 13.07 25.09
CA THR A 434 -5.52 13.13 24.00
C THR A 434 -6.92 13.52 24.49
N THR A 435 -7.57 14.40 23.73
CA THR A 435 -8.99 14.68 23.91
C THR A 435 -9.74 14.06 22.73
N ASP A 436 -10.65 13.15 23.04
CA ASP A 436 -11.48 12.48 22.04
C ASP A 436 -12.81 13.19 21.82
N TYR A 437 -13.23 13.26 20.57
CA TYR A 437 -14.55 13.76 20.20
C TYR A 437 -15.46 12.59 19.88
N GLU A 438 -16.59 12.51 20.58
CA GLU A 438 -17.52 11.40 20.46
C GLU A 438 -18.94 11.87 20.13
N ALA A 439 -19.67 11.04 19.39
CA ALA A 439 -21.06 11.36 19.03
C ALA A 439 -21.93 10.10 19.05
N CYS A 440 -23.20 10.27 19.38
CA CYS A 440 -24.11 9.13 19.40
C CYS A 440 -24.54 8.71 18.00
N LEU A 441 -24.67 7.40 17.81
CA LEU A 441 -25.21 6.83 16.59
C LEU A 441 -26.59 6.25 16.95
N PRO A 442 -27.67 6.98 16.63
CA PRO A 442 -29.02 6.57 17.08
C PRO A 442 -29.35 5.10 16.84
N TYR A 443 -28.95 4.55 15.68
CA TYR A 443 -29.24 3.14 15.35
C TYR A 443 -28.70 2.13 16.37
N ARG A 444 -27.73 2.56 17.18
CA ARG A 444 -27.08 1.70 18.16
C ARG A 444 -27.89 1.51 19.44
N GLY A 445 -29.01 2.21 19.55
CA GLY A 445 -29.88 2.13 20.71
C GLY A 445 -29.55 3.17 21.78
N PRO A 446 -30.45 3.35 22.75
CA PRO A 446 -30.24 4.33 23.83
C PRO A 446 -29.01 4.05 24.69
N ASP A 447 -28.52 2.82 24.67
CA ASP A 447 -27.36 2.41 25.47
C ASP A 447 -26.12 2.09 24.63
N GLY A 448 -26.21 2.27 23.32
CA GLY A 448 -25.09 2.03 22.41
C GLY A 448 -23.88 2.91 22.71
N GLU A 449 -22.71 2.42 22.31
CA GLU A 449 -21.46 3.14 22.50
C GLU A 449 -21.34 4.29 21.51
N TRP A 450 -20.89 5.43 22.01
CA TRP A 450 -20.68 6.62 21.18
C TRP A 450 -19.42 6.45 20.35
N LEU A 451 -19.42 6.99 19.14
CA LEU A 451 -18.30 6.82 18.22
C LEU A 451 -17.28 7.95 18.32
N GLU A 452 -16.03 7.60 18.57
CA GLU A 452 -14.93 8.56 18.47
C GLU A 452 -14.81 8.95 17.00
N PHE A 453 -14.97 10.24 16.70
CA PHE A 453 -14.89 10.68 15.30
C PHE A 453 -13.68 11.56 14.98
N GLN A 454 -13.00 12.05 16.01
CA GLN A 454 -11.73 12.77 15.86
C GLN A 454 -11.06 13.02 17.22
N ASN A 455 -9.77 13.37 17.19
CA ASN A 455 -9.05 13.70 18.42
C ASN A 455 -8.20 14.97 18.33
N VAL A 456 -7.85 15.53 19.47
CA VAL A 456 -6.87 16.62 19.56
C VAL A 456 -5.85 16.23 20.62
N SER A 457 -4.56 16.26 20.28
CA SER A 457 -3.52 15.79 21.19
C SER A 457 -2.38 16.79 21.44
N ILE A 458 -1.96 16.85 22.70
CA ILE A 458 -0.72 17.51 23.09
C ILE A 458 0.28 16.37 23.32
N ASN A 459 1.35 16.35 22.53
CA ASN A 459 2.29 15.23 22.56
C ASN A 459 3.54 15.49 23.42
N GLY A 460 3.64 16.70 23.98
CA GLY A 460 4.82 17.11 24.74
C GLY A 460 6.03 17.26 23.83
N ASP A 461 7.19 16.84 24.33
CA ASP A 461 8.43 16.92 23.59
C ASP A 461 8.80 15.62 22.87
N LYS A 462 7.85 14.68 22.79
CA LYS A 462 8.14 13.34 22.26
C LYS A 462 8.71 13.37 20.84
N TYR A 463 8.00 14.03 19.94
CA TYR A 463 8.42 14.08 18.55
C TYR A 463 9.65 14.94 18.30
N PRO A 464 9.66 16.20 18.82
CA PRO A 464 10.91 16.97 18.71
C PRO A 464 12.13 16.20 19.25
N LYS A 465 12.00 15.51 20.39
CA LYS A 465 13.09 14.66 20.90
C LYS A 465 13.41 13.49 19.97
N GLY A 466 12.39 12.73 19.59
CA GLY A 466 12.54 11.57 18.72
C GLY A 466 13.22 11.85 17.39
N PHE A 467 12.87 12.97 16.77
CA PHE A 467 13.43 13.35 15.47
C PHE A 467 14.56 14.40 15.54
N ASN A 468 14.90 14.80 16.77
CA ASN A 468 16.03 15.71 17.01
C ASN A 468 15.79 17.08 16.34
N VAL A 469 14.69 17.72 16.73
CA VAL A 469 14.32 19.04 16.24
C VAL A 469 14.52 20.02 17.37
N LYS A 470 15.34 21.03 17.13
CA LYS A 470 15.69 22.00 18.15
C LYS A 470 15.16 23.39 17.81
N LEU A 471 15.07 24.23 18.84
CA LEU A 471 14.71 25.62 18.70
C LEU A 471 15.99 26.44 18.83
N GLN A 472 16.07 27.55 18.10
CA GLN A 472 17.27 28.39 18.12
C GLN A 472 17.65 28.89 19.52
N SER A 473 16.67 29.35 20.29
CA SER A 473 16.90 29.84 21.66
C SER A 473 17.31 28.69 22.58
N GLY A 474 16.96 27.47 22.17
CA GLY A 474 17.28 26.28 22.94
C GLY A 474 16.19 25.87 23.93
N ASP A 475 15.10 26.63 23.98
CA ASP A 475 13.94 26.26 24.79
C ASP A 475 13.29 24.98 24.23
N GLU A 476 12.62 24.22 25.10
CA GLU A 476 12.06 22.95 24.70
C GLU A 476 10.94 23.10 23.68
N LEU A 477 11.00 22.31 22.62
CA LEU A 477 9.95 22.26 21.62
C LEU A 477 8.93 21.21 21.98
N TRP A 478 7.67 21.57 21.83
CA TRP A 478 6.57 20.63 21.98
C TRP A 478 5.85 20.53 20.64
N SER A 479 4.96 19.56 20.53
CA SER A 479 4.10 19.45 19.36
C SER A 479 2.74 18.88 19.76
N GLY A 480 1.75 19.14 18.90
CA GLY A 480 0.44 18.52 19.01
C GLY A 480 0.02 18.00 17.64
N CYS A 481 -1.12 17.31 17.59
CA CYS A 481 -1.74 16.93 16.32
C CYS A 481 -3.21 16.63 16.51
N SER A 482 -3.97 16.77 15.43
CA SER A 482 -5.39 16.49 15.44
C SER A 482 -5.73 15.66 14.22
N GLY A 483 -6.39 14.52 14.44
CA GLY A 483 -6.77 13.66 13.34
C GLY A 483 -8.24 13.77 13.08
N VAL A 484 -8.59 14.18 11.86
CA VAL A 484 -9.99 14.27 11.44
C VAL A 484 -10.31 13.07 10.55
N GLY A 485 -11.15 12.17 11.05
CA GLY A 485 -11.55 10.99 10.29
C GLY A 485 -12.83 11.25 9.51
N LEU A 486 -12.72 11.29 8.19
CA LEU A 486 -13.86 11.65 7.34
C LEU A 486 -14.95 10.57 7.29
N GLU A 487 -14.55 9.30 7.26
CA GLU A 487 -15.50 8.19 7.40
C GLU A 487 -16.26 8.28 8.70
N ARG A 488 -15.59 8.76 9.75
CA ARG A 488 -16.18 8.87 11.08
C ARG A 488 -17.15 10.06 11.16
N TRP A 489 -16.75 11.19 10.58
CA TRP A 489 -17.64 12.35 10.44
C TRP A 489 -18.93 11.98 9.67
N ALA A 490 -18.77 11.13 8.67
CA ALA A 490 -19.87 10.70 7.81
C ALA A 490 -20.81 9.72 8.53
N ALA A 491 -20.23 8.82 9.32
CA ALA A 491 -21.01 7.90 10.15
C ALA A 491 -21.84 8.66 11.18
N VAL A 492 -21.23 9.67 11.79
CA VAL A 492 -21.90 10.50 12.79
C VAL A 492 -23.00 11.36 12.16
N PHE A 493 -22.65 12.15 11.14
CA PHE A 493 -23.61 13.06 10.50
C PHE A 493 -24.82 12.33 9.91
N LEU A 494 -24.58 11.25 9.17
CA LEU A 494 -25.66 10.56 8.47
C LEU A 494 -26.51 9.68 9.38
N ALA A 495 -25.91 9.21 10.49
CA ALA A 495 -26.66 8.49 11.52
C ALA A 495 -27.60 9.42 12.28
N GLN A 496 -27.18 10.66 12.47
CA GLN A 496 -28.02 11.65 13.17
C GLN A 496 -28.99 12.39 12.25
N LYS A 497 -28.53 12.75 11.05
CA LYS A 497 -29.31 13.64 10.17
C LYS A 497 -30.02 12.96 9.00
N GLY A 498 -29.53 11.78 8.62
CA GLY A 498 -30.10 11.05 7.49
C GLY A 498 -29.42 11.36 6.17
N LEU A 499 -29.91 10.73 5.10
CA LEU A 499 -29.33 10.87 3.77
C LEU A 499 -30.13 11.81 2.87
N ASP A 500 -31.14 12.46 3.46
CA ASP A 500 -32.07 13.33 2.75
C ASP A 500 -31.70 14.79 3.01
N PRO A 501 -31.18 15.48 1.97
CA PRO A 501 -30.78 16.89 2.03
C PRO A 501 -31.85 17.82 2.60
N ALA A 502 -33.12 17.43 2.48
CA ALA A 502 -34.25 18.21 2.98
C ALA A 502 -34.32 18.25 4.51
N ASN A 503 -33.60 17.35 5.17
CA ASN A 503 -33.59 17.26 6.63
C ASN A 503 -32.28 17.72 7.28
N TRP A 504 -31.25 17.95 6.46
CA TRP A 504 -29.96 18.47 6.93
C TRP A 504 -30.05 19.94 7.33
N PRO A 505 -29.22 20.38 8.30
CA PRO A 505 -29.16 21.79 8.67
C PRO A 505 -28.89 22.70 7.47
N GLU A 506 -29.50 23.89 7.49
CA GLU A 506 -29.34 24.88 6.44
C GLU A 506 -27.87 25.20 6.13
N GLU A 507 -27.06 25.28 7.19
CA GLU A 507 -25.64 25.61 7.07
C GLU A 507 -24.82 24.57 6.30
N PHE A 508 -25.14 23.29 6.51
CA PHE A 508 -24.49 22.20 5.78
C PHE A 508 -24.96 22.13 4.33
N ARG A 509 -26.28 22.17 4.15
CA ARG A 509 -26.91 22.12 2.84
C ARG A 509 -26.41 23.23 1.92
N ASN A 510 -26.18 24.42 2.48
CA ASN A 510 -25.59 25.54 1.75
C ASN A 510 -24.21 25.18 1.21
N ARG A 511 -23.45 24.44 1.99
CA ARG A 511 -22.06 24.10 1.67
C ARG A 511 -21.94 22.90 0.73
N VAL A 512 -22.98 22.07 0.69
CA VAL A 512 -23.03 20.89 -0.16
C VAL A 512 -23.24 21.27 -1.63
N GLY A 513 -24.16 22.20 -1.85
CA GLY A 513 -24.62 22.52 -3.20
C GLY A 513 -25.70 21.54 -3.62
N GLU A 514 -25.90 21.38 -4.92
CA GLU A 514 -26.83 20.40 -5.45
C GLU A 514 -26.16 19.03 -5.42
N MET A 515 -26.74 18.10 -4.66
CA MET A 515 -26.21 16.74 -4.56
C MET A 515 -26.13 16.06 -5.93
N PRO A 516 -25.02 15.33 -6.18
CA PRO A 516 -24.91 14.64 -7.45
C PRO A 516 -25.77 13.38 -7.47
N LYS A 517 -25.95 12.81 -8.65
CA LYS A 517 -26.65 11.54 -8.81
C LYS A 517 -25.65 10.39 -8.75
N GLY A 518 -26.13 9.23 -8.31
CA GLY A 518 -25.31 8.03 -8.28
C GLY A 518 -25.24 7.37 -9.64
N ILE A 519 -24.58 6.22 -9.67
CA ILE A 519 -24.55 5.40 -10.87
C ILE A 519 -25.53 4.26 -10.66
N ARG A 520 -26.64 4.30 -11.41
CA ARG A 520 -27.72 3.34 -11.26
C ARG A 520 -27.50 2.11 -12.14
N PHE A 521 -27.90 0.95 -11.61
CA PHE A 521 -27.83 -0.32 -12.33
C PHE A 521 -29.23 -0.91 -12.49
N LEU A 522 -29.36 -1.91 -13.36
CA LEU A 522 -30.63 -2.63 -13.54
C LEU A 522 -30.89 -3.61 -12.40
N GLY B 18 7.43 -14.48 -41.15
CA GLY B 18 6.88 -15.48 -40.19
C GLY B 18 6.87 -16.90 -40.73
N SER B 19 6.48 -17.85 -39.87
CA SER B 19 6.38 -19.26 -40.25
C SER B 19 4.95 -19.59 -40.71
N HIS B 20 4.84 -20.24 -41.88
CA HIS B 20 3.56 -20.60 -42.45
C HIS B 20 3.03 -21.94 -41.92
N MET B 21 3.81 -22.60 -41.06
CA MET B 21 3.46 -23.92 -40.53
C MET B 21 2.10 -23.95 -39.80
N LYS B 22 1.36 -25.03 -40.01
CA LYS B 22 0.02 -25.20 -39.45
C LYS B 22 0.01 -25.38 -37.94
N LEU B 23 -0.81 -24.58 -37.25
CA LEU B 23 -1.14 -24.82 -35.85
C LEU B 23 -1.96 -26.10 -35.76
N GLN B 24 -1.43 -27.10 -35.07
CA GLN B 24 -2.09 -28.40 -34.98
C GLN B 24 -2.12 -28.98 -33.57
N PHE B 25 -3.19 -29.73 -33.29
CA PHE B 25 -3.40 -30.40 -32.00
C PHE B 25 -3.49 -31.91 -32.23
N ASN B 26 -2.82 -32.67 -31.37
CA ASN B 26 -2.80 -34.14 -31.49
C ASN B 26 -3.01 -34.83 -30.15
N LEU B 27 -4.18 -35.46 -29.99
CA LEU B 27 -4.59 -36.07 -28.73
C LEU B 27 -4.69 -37.59 -28.81
N LYS B 28 -3.97 -38.27 -27.92
CA LYS B 28 -4.10 -39.72 -27.75
C LYS B 28 -4.77 -39.97 -26.41
N ALA B 29 -5.94 -40.61 -26.43
CA ALA B 29 -6.78 -40.77 -25.23
C ALA B 29 -7.75 -41.96 -25.31
N TYR B 30 -8.53 -42.16 -24.24
CA TYR B 30 -9.64 -43.12 -24.22
C TYR B 30 -10.79 -42.73 -23.28
N PHE B 31 -11.99 -43.22 -23.59
CA PHE B 31 -13.21 -42.97 -22.80
C PHE B 31 -13.51 -44.11 -21.83
N LYS B 32 -14.53 -43.90 -20.99
CA LYS B 32 -15.17 -44.95 -20.18
C LYS B 32 -16.52 -44.43 -19.64
N THR B 33 -17.51 -44.41 -20.54
CA THR B 33 -18.82 -43.79 -20.26
C THR B 33 -19.92 -44.77 -19.83
N SER B 34 -19.53 -45.99 -19.48
CA SER B 34 -20.44 -47.00 -18.92
C SER B 34 -19.67 -48.12 -18.21
N ALA B 35 -20.40 -49.12 -17.72
CA ALA B 35 -19.81 -50.31 -17.13
C ALA B 35 -19.06 -51.11 -18.21
N ASP B 36 -17.95 -51.73 -17.81
CA ASP B 36 -17.01 -52.35 -18.75
C ASP B 36 -17.56 -53.47 -19.65
N PRO B 37 -17.60 -53.21 -20.98
CA PRO B 37 -17.92 -54.26 -21.94
C PRO B 37 -16.68 -54.85 -22.61
N THR B 38 -16.90 -55.69 -23.62
CA THR B 38 -15.86 -56.16 -24.51
C THR B 38 -16.10 -55.47 -25.87
N PRO B 39 -15.48 -55.97 -26.97
CA PRO B 39 -16.01 -55.54 -28.27
C PRO B 39 -17.44 -56.05 -28.48
N ALA B 40 -18.42 -55.24 -28.06
CA ALA B 40 -19.82 -55.63 -28.06
C ALA B 40 -20.78 -54.55 -28.60
N LYS B 41 -20.30 -53.76 -29.54
CA LYS B 41 -21.11 -52.75 -30.23
C LYS B 41 -20.40 -52.23 -31.50
N ASP B 42 -21.16 -52.11 -32.58
CA ASP B 42 -20.63 -51.73 -33.89
C ASP B 42 -20.89 -50.26 -34.24
N ALA B 43 -21.84 -49.64 -33.55
CA ALA B 43 -22.21 -48.24 -33.78
C ALA B 43 -21.07 -47.27 -33.46
N ILE B 44 -20.06 -47.75 -32.73
CA ILE B 44 -18.85 -47.00 -32.42
C ILE B 44 -18.11 -46.62 -33.70
N ALA B 45 -18.03 -47.56 -34.64
CA ALA B 45 -17.39 -47.35 -35.94
C ALA B 45 -18.18 -46.38 -36.80
N ALA B 46 -19.51 -46.42 -36.65
CA ALA B 46 -20.42 -45.59 -37.45
C ALA B 46 -20.42 -44.12 -37.00
N LEU B 47 -20.36 -43.89 -35.69
CA LEU B 47 -20.44 -42.53 -35.15
C LEU B 47 -19.13 -41.73 -35.28
N PHE B 48 -18.00 -42.43 -35.34
CA PHE B 48 -16.70 -41.79 -35.59
C PHE B 48 -16.58 -41.30 -37.03
N GLU B 49 -17.15 -42.06 -37.95
CA GLU B 49 -17.17 -41.70 -39.37
C GLU B 49 -18.16 -40.56 -39.61
N GLU B 50 -19.26 -40.60 -38.85
CA GLU B 50 -20.31 -39.58 -38.93
C GLU B 50 -19.84 -38.25 -38.31
N ALA B 51 -19.12 -38.33 -37.20
CA ALA B 51 -18.60 -37.15 -36.51
C ALA B 51 -17.62 -36.36 -37.37
N ASN B 52 -16.72 -37.07 -38.04
CA ASN B 52 -15.75 -36.47 -38.96
C ASN B 52 -16.41 -35.63 -40.06
N SER B 53 -17.61 -36.03 -40.45
CA SER B 53 -18.31 -35.42 -41.57
C SER B 53 -19.33 -34.36 -41.15
N THR B 54 -19.82 -34.45 -39.91
CA THR B 54 -20.83 -33.49 -39.43
C THR B 54 -20.51 -32.85 -38.07
N LEU B 55 -20.32 -33.69 -37.04
CA LEU B 55 -20.16 -33.20 -35.66
C LEU B 55 -18.89 -32.37 -35.45
N LEU B 56 -17.75 -32.91 -35.84
CA LEU B 56 -16.46 -32.27 -35.62
C LEU B 56 -16.14 -31.17 -36.64
N THR B 57 -17.07 -30.93 -37.57
CA THR B 57 -16.94 -29.85 -38.54
C THR B 57 -17.57 -28.55 -38.04
N ARG B 58 -18.44 -28.66 -37.04
CA ARG B 58 -19.20 -27.53 -36.53
C ARG B 58 -18.33 -26.52 -35.80
N GLY B 59 -18.34 -25.27 -36.29
CA GLY B 59 -17.51 -24.21 -35.75
C GLY B 59 -16.16 -24.09 -36.45
N ALA B 60 -16.06 -24.70 -37.63
CA ALA B 60 -14.84 -24.72 -38.41
C ALA B 60 -15.13 -24.45 -39.89
N PRO B 61 -14.29 -23.65 -40.55
CA PRO B 61 -14.39 -23.46 -42.01
C PRO B 61 -14.24 -24.78 -42.77
N GLU B 62 -14.60 -24.77 -44.06
CA GLU B 62 -14.60 -25.97 -44.90
C GLU B 62 -13.30 -26.78 -44.77
N GLY B 63 -13.46 -28.04 -44.40
CA GLY B 63 -12.34 -28.99 -44.29
C GLY B 63 -11.32 -28.72 -43.19
N GLN B 64 -11.66 -27.83 -42.26
CA GLN B 64 -10.76 -27.47 -41.17
C GLN B 64 -11.23 -28.02 -39.82
N GLY B 65 -12.18 -28.95 -39.87
CA GLY B 65 -12.72 -29.57 -38.66
C GLY B 65 -11.79 -30.59 -38.05
N ALA B 66 -12.10 -31.00 -36.82
CA ALA B 66 -11.33 -32.02 -36.11
C ALA B 66 -11.62 -33.39 -36.69
N LYS B 67 -10.68 -34.33 -36.51
CA LYS B 67 -10.80 -35.67 -37.06
C LYS B 67 -10.30 -36.71 -36.09
N VAL B 68 -11.10 -37.76 -35.87
CA VAL B 68 -10.59 -38.96 -35.24
C VAL B 68 -9.93 -39.80 -36.33
N THR B 69 -8.64 -40.03 -36.19
CA THR B 69 -7.83 -40.63 -37.25
C THR B 69 -7.60 -42.13 -37.05
N GLU B 70 -7.85 -42.61 -35.83
CA GLU B 70 -7.82 -44.05 -35.53
C GLU B 70 -8.47 -44.34 -34.18
N TRP B 71 -8.98 -45.56 -34.03
CA TRP B 71 -9.70 -45.98 -32.83
C TRP B 71 -9.55 -47.49 -32.60
N LYS B 72 -9.58 -47.89 -31.33
CA LYS B 72 -9.54 -49.31 -30.93
C LYS B 72 -10.26 -49.53 -29.60
N LEU B 73 -10.78 -50.74 -29.41
CA LEU B 73 -11.53 -51.07 -28.19
C LEU B 73 -10.66 -51.73 -27.12
N GLY B 74 -11.28 -52.10 -26.01
CA GLY B 74 -10.62 -52.78 -24.89
C GLY B 74 -11.55 -52.96 -23.70
N GLU B 75 -11.01 -53.44 -22.59
CA GLU B 75 -11.78 -53.58 -21.34
C GLU B 75 -12.05 -52.20 -20.73
N ASP B 76 -13.26 -51.70 -20.99
CA ASP B 76 -13.69 -50.33 -20.66
C ASP B 76 -12.71 -49.26 -21.16
N ARG B 77 -12.27 -49.43 -22.40
CA ARG B 77 -11.38 -48.49 -23.06
C ARG B 77 -11.80 -48.34 -24.51
N ILE B 78 -12.42 -47.19 -24.83
CA ILE B 78 -12.76 -46.84 -26.20
C ILE B 78 -11.71 -45.85 -26.71
N GLU B 79 -10.46 -46.34 -26.80
CA GLU B 79 -9.31 -45.48 -27.13
C GLU B 79 -9.29 -44.98 -28.57
N LEU B 80 -9.01 -43.68 -28.71
CA LEU B 80 -8.92 -43.03 -30.01
C LEU B 80 -7.76 -42.06 -30.08
N THR B 81 -7.32 -41.77 -31.30
CA THR B 81 -6.34 -40.73 -31.56
C THR B 81 -7.03 -39.62 -32.34
N LEU B 82 -7.21 -38.48 -31.67
CA LEU B 82 -7.88 -37.32 -32.26
C LEU B 82 -6.85 -36.34 -32.80
N GLN B 83 -7.20 -35.64 -33.87
CA GLN B 83 -6.33 -34.63 -34.48
C GLN B 83 -7.14 -33.42 -34.88
N SER B 84 -6.55 -32.23 -34.73
CA SER B 84 -7.23 -30.99 -35.12
C SER B 84 -6.27 -29.84 -35.38
N GLY B 85 -6.82 -28.71 -35.79
CA GLY B 85 -6.08 -27.47 -35.93
C GLY B 85 -6.63 -26.36 -35.06
N ARG B 86 -6.67 -25.17 -35.63
CA ARG B 86 -7.12 -23.93 -34.98
C ARG B 86 -8.54 -24.03 -34.40
N TYR B 87 -9.43 -24.67 -35.17
CA TYR B 87 -10.85 -24.76 -34.82
C TYR B 87 -11.21 -26.17 -34.34
N VAL B 88 -12.29 -26.26 -33.56
CA VAL B 88 -12.75 -27.52 -32.94
C VAL B 88 -11.56 -28.26 -32.35
N ARG B 89 -10.90 -27.64 -31.38
CA ARG B 89 -9.64 -28.15 -30.84
C ARG B 89 -9.85 -29.47 -30.12
N VAL B 90 -8.80 -30.29 -30.05
CA VAL B 90 -8.91 -31.66 -29.53
C VAL B 90 -9.42 -31.77 -28.08
N HIS B 91 -9.17 -30.74 -27.28
CA HIS B 91 -9.65 -30.68 -25.89
C HIS B 91 -11.12 -30.24 -25.81
N ASP B 92 -11.62 -29.66 -26.90
CA ASP B 92 -13.02 -29.29 -27.02
C ASP B 92 -13.80 -30.40 -27.71
N ALA B 93 -13.20 -31.00 -28.74
CA ALA B 93 -13.84 -32.03 -29.56
C ALA B 93 -14.09 -33.33 -28.80
N ILE B 94 -13.22 -33.65 -27.84
CA ILE B 94 -13.33 -34.90 -27.08
C ILE B 94 -14.56 -34.94 -26.16
N PHE B 95 -15.04 -33.76 -25.78
CA PHE B 95 -16.26 -33.63 -24.98
C PHE B 95 -17.51 -33.61 -25.86
N ARG B 96 -17.33 -33.28 -27.14
CA ARG B 96 -18.37 -33.44 -28.15
C ARG B 96 -18.60 -34.93 -28.39
N LEU B 97 -17.49 -35.69 -28.44
CA LEU B 97 -17.53 -37.14 -28.62
C LEU B 97 -18.00 -37.88 -27.38
N ARG B 98 -17.74 -37.31 -26.21
CA ARG B 98 -18.14 -37.92 -24.93
C ARG B 98 -19.66 -37.86 -24.76
N LYS B 99 -20.26 -36.74 -25.18
CA LYS B 99 -21.71 -36.56 -25.12
C LYS B 99 -22.41 -37.50 -26.11
N GLN B 100 -21.75 -37.79 -27.23
CA GLN B 100 -22.24 -38.73 -28.24
C GLN B 100 -22.17 -40.17 -27.74
N LEU B 101 -20.95 -40.61 -27.39
CA LEU B 101 -20.69 -41.97 -26.91
C LEU B 101 -21.33 -42.33 -25.56
N ALA B 102 -22.15 -41.42 -25.02
CA ALA B 102 -22.84 -41.65 -23.75
C ALA B 102 -24.36 -41.63 -23.92
N GLU B 103 -24.85 -40.82 -24.86
CA GLU B 103 -26.28 -40.68 -25.11
C GLU B 103 -26.79 -41.63 -26.20
N ALA B 104 -25.89 -42.09 -27.05
CA ALA B 104 -26.22 -43.04 -28.10
C ALA B 104 -26.17 -44.49 -27.62
N LEU B 105 -25.30 -44.77 -26.66
CA LEU B 105 -25.15 -46.11 -26.11
C LEU B 105 -26.12 -46.39 -24.96
N GLY B 115 -15.18 -41.31 -18.26
CA GLY B 115 -13.95 -40.79 -17.67
C GLY B 115 -12.80 -40.77 -18.65
N ILE B 116 -12.53 -39.59 -19.22
CA ILE B 116 -11.47 -39.44 -20.20
C ILE B 116 -10.09 -39.49 -19.55
N GLU B 117 -9.21 -40.33 -20.11
CA GLU B 117 -7.82 -40.43 -19.66
C GLU B 117 -6.90 -40.12 -20.84
N VAL B 118 -5.93 -39.24 -20.62
CA VAL B 118 -5.04 -38.76 -21.68
C VAL B 118 -3.72 -39.54 -21.73
N GLU B 119 -3.43 -40.12 -22.89
CA GLU B 119 -2.14 -40.77 -23.14
C GLU B 119 -1.08 -39.72 -23.47
N SER B 120 -1.40 -38.86 -24.43
CA SER B 120 -0.50 -37.78 -24.83
C SER B 120 -1.27 -36.59 -25.43
N PHE B 121 -0.75 -35.40 -25.19
CA PHE B 121 -1.31 -34.17 -25.74
C PHE B 121 -0.18 -33.41 -26.43
N ILE B 122 -0.25 -33.31 -27.75
CA ILE B 122 0.79 -32.64 -28.53
C ILE B 122 0.23 -31.41 -29.22
N ILE B 123 0.98 -30.31 -29.14
CA ILE B 123 0.66 -29.09 -29.86
C ILE B 123 1.87 -28.64 -30.66
N LYS B 124 1.67 -28.42 -31.96
CA LYS B 124 2.70 -27.84 -32.80
C LYS B 124 2.35 -26.39 -33.12
N VAL B 125 3.25 -25.49 -32.77
CA VAL B 125 3.01 -24.05 -32.89
C VAL B 125 4.07 -23.44 -33.82
N PRO B 126 3.63 -22.70 -34.85
CA PRO B 126 4.56 -22.01 -35.74
C PRO B 126 5.38 -20.96 -35.01
N ALA B 127 6.68 -20.89 -35.34
CA ALA B 127 7.61 -19.95 -34.72
C ALA B 127 8.86 -19.76 -35.58
N ASP B 128 9.28 -18.51 -35.75
CA ASP B 128 10.52 -18.18 -36.46
C ASP B 128 11.75 -18.64 -35.66
N HIS B 129 11.86 -18.16 -34.43
CA HIS B 129 13.04 -18.36 -33.60
C HIS B 129 12.81 -19.38 -32.51
N GLU B 130 13.90 -19.96 -32.02
CA GLU B 130 13.87 -20.91 -30.90
C GLU B 130 13.68 -20.15 -29.59
N LEU B 131 13.05 -20.80 -28.62
CA LEU B 131 12.77 -20.16 -27.33
C LEU B 131 13.50 -20.85 -26.18
N ARG B 132 14.02 -20.05 -25.26
CA ARG B 132 14.56 -20.57 -24.01
C ARG B 132 13.44 -21.19 -23.17
N MET B 133 13.55 -22.49 -22.91
CA MET B 133 12.54 -23.22 -22.15
C MET B 133 12.52 -22.76 -20.69
N LEU B 134 11.33 -22.64 -20.14
CA LEU B 134 11.16 -22.19 -18.76
C LEU B 134 10.15 -23.04 -17.99
N LYS B 135 10.15 -22.90 -16.67
CA LYS B 135 9.21 -23.62 -15.82
C LYS B 135 7.78 -23.10 -16.01
N VAL B 136 6.99 -23.87 -16.76
CA VAL B 136 5.58 -23.58 -16.98
C VAL B 136 4.77 -24.82 -16.59
N PRO B 137 3.72 -24.65 -15.76
CA PRO B 137 2.87 -25.78 -15.35
C PRO B 137 2.16 -26.47 -16.52
N TYR B 138 2.05 -27.80 -16.43
CA TYR B 138 1.38 -28.64 -17.43
C TYR B 138 2.12 -28.83 -18.75
N ILE B 139 3.40 -28.47 -18.78
CA ILE B 139 4.26 -28.69 -19.95
C ILE B 139 5.37 -29.67 -19.59
N LYS B 140 5.26 -30.89 -20.12
CA LYS B 140 6.24 -31.94 -19.88
C LYS B 140 7.47 -31.75 -20.78
N SER B 141 7.24 -31.42 -22.04
CA SER B 141 8.31 -31.36 -23.03
C SER B 141 8.17 -30.18 -23.99
N MET B 142 9.31 -29.64 -24.42
CA MET B 142 9.35 -28.56 -25.40
C MET B 142 10.58 -28.71 -26.29
N GLU B 143 10.36 -29.01 -27.57
CA GLU B 143 11.46 -29.16 -28.52
C GLU B 143 11.18 -28.51 -29.87
N ASN B 144 12.23 -27.97 -30.47
CA ASN B 144 12.15 -27.33 -31.78
C ASN B 144 11.88 -28.35 -32.88
N ILE B 145 10.99 -27.99 -33.80
CA ILE B 145 10.71 -28.79 -35.00
C ILE B 145 10.80 -27.88 -36.22
N GLU B 146 10.66 -28.46 -37.42
CA GLU B 146 10.65 -27.64 -38.63
C GLU B 146 9.36 -26.83 -38.72
N GLY B 147 9.50 -25.51 -38.77
CA GLY B 147 8.35 -24.62 -38.82
C GLY B 147 8.00 -23.97 -37.49
N GLY B 148 8.31 -24.64 -36.37
CA GLY B 148 8.07 -24.05 -35.06
C GLY B 148 8.48 -24.86 -33.84
N ILE B 149 7.60 -24.90 -32.85
CA ILE B 149 7.88 -25.52 -31.57
C ILE B 149 6.82 -26.57 -31.23
N GLN B 150 7.27 -27.72 -30.72
CA GLN B 150 6.38 -28.80 -30.30
C GLN B 150 6.27 -28.86 -28.77
N LEU B 151 5.04 -28.80 -28.26
CA LEU B 151 4.78 -28.90 -26.83
C LEU B 151 4.07 -30.20 -26.48
N GLU B 152 4.70 -31.02 -25.65
CA GLU B 152 4.03 -32.17 -25.06
C GLU B 152 3.49 -31.72 -23.69
N LEU B 153 2.17 -31.85 -23.52
CA LEU B 153 1.51 -31.38 -22.30
C LEU B 153 1.26 -32.51 -21.30
N GLU B 154 1.38 -32.17 -20.02
CA GLU B 154 1.06 -33.09 -18.93
C GLU B 154 -0.31 -32.71 -18.35
N VAL B 155 -1.36 -33.23 -18.98
CA VAL B 155 -2.72 -32.78 -18.74
C VAL B 155 -3.73 -33.94 -18.59
N GLY B 156 -4.76 -33.71 -17.79
CA GLY B 156 -5.85 -34.67 -17.60
C GLY B 156 -7.17 -34.08 -18.07
N GLU B 157 -8.27 -34.79 -17.80
CA GLU B 157 -9.58 -34.37 -18.29
C GLU B 157 -10.12 -33.08 -17.65
N ALA B 158 -9.73 -32.84 -16.40
CA ALA B 158 -10.10 -31.62 -15.69
C ALA B 158 -9.46 -30.39 -16.36
N GLU B 159 -8.16 -30.51 -16.65
CA GLU B 159 -7.40 -29.45 -17.32
C GLU B 159 -7.95 -29.09 -18.71
N MET B 160 -8.32 -30.11 -19.50
CA MET B 160 -8.91 -29.90 -20.83
C MET B 160 -10.23 -29.14 -20.74
N LYS B 161 -11.07 -29.54 -19.79
CA LYS B 161 -12.35 -28.87 -19.51
C LYS B 161 -12.13 -27.42 -19.07
N ASN B 162 -11.09 -27.22 -18.27
CA ASN B 162 -10.66 -25.89 -17.81
C ASN B 162 -10.11 -25.00 -18.93
N ARG B 163 -9.83 -25.63 -20.09
CA ARG B 163 -9.24 -24.96 -21.25
C ARG B 163 -7.80 -24.52 -21.00
N VAL B 164 -7.08 -25.36 -20.26
CA VAL B 164 -5.65 -25.20 -19.98
C VAL B 164 -4.78 -25.21 -21.25
N PRO B 165 -5.08 -26.11 -22.23
CA PRO B 165 -4.36 -26.07 -23.51
C PRO B 165 -4.48 -24.74 -24.25
N ASP B 166 -5.64 -24.08 -24.15
CA ASP B 166 -5.86 -22.80 -24.81
C ASP B 166 -4.93 -21.73 -24.24
N ARG B 167 -4.79 -21.72 -22.92
CA ARG B 167 -4.02 -20.70 -22.23
C ARG B 167 -2.52 -20.94 -22.35
N ILE B 168 -2.13 -22.20 -22.52
CA ILE B 168 -0.74 -22.54 -22.83
C ILE B 168 -0.37 -22.04 -24.22
N LEU B 169 -1.30 -22.17 -25.16
CA LEU B 169 -1.09 -21.70 -26.53
C LEU B 169 -0.97 -20.18 -26.60
N THR B 170 -1.91 -19.48 -25.94
CA THR B 170 -1.87 -18.03 -25.83
C THR B 170 -0.55 -17.56 -25.21
N LEU B 171 -0.10 -18.28 -24.18
CA LEU B 171 1.16 -17.97 -23.52
C LEU B 171 2.35 -18.11 -24.48
N LEU B 172 2.42 -19.24 -25.18
CA LEU B 172 3.51 -19.50 -26.12
C LEU B 172 3.50 -18.53 -27.31
N GLU B 173 2.30 -18.21 -27.83
CA GLU B 173 2.14 -17.25 -28.93
C GLU B 173 2.63 -15.84 -28.56
N GLU B 174 2.49 -15.49 -27.28
CA GLU B 174 2.96 -14.22 -26.76
C GLU B 174 4.49 -14.18 -26.72
N LYS B 175 5.09 -15.31 -26.33
CA LYS B 175 6.54 -15.43 -26.21
C LYS B 175 7.25 -15.62 -27.56
N ILE B 176 6.49 -16.08 -28.57
CA ILE B 176 6.99 -16.18 -29.94
C ILE B 176 6.93 -14.81 -30.61
N GLU B 177 5.82 -14.10 -30.38
CA GLU B 177 5.62 -12.75 -30.90
C GLU B 177 6.67 -11.77 -30.35
N ALA B 178 7.02 -11.93 -29.08
CA ALA B 178 8.01 -11.09 -28.41
C ALA B 178 9.44 -11.31 -28.95
N ALA B 179 9.72 -12.55 -29.37
CA ALA B 179 11.05 -12.92 -29.87
C ALA B 179 11.35 -12.37 -31.28
N GLN B 180 10.42 -11.60 -31.83
CA GLN B 180 10.63 -10.87 -33.09
C GLN B 180 11.09 -9.43 -32.84
N TYR B 181 11.45 -8.73 -33.91
CA TYR B 181 11.90 -7.34 -33.86
C TYR B 181 10.75 -6.37 -33.59
N ALA B 185 12.01 -1.00 -30.10
CA ALA B 185 11.13 -1.41 -29.01
C ALA B 185 9.81 -0.61 -29.00
N GLU B 186 9.68 0.33 -28.06
CA GLU B 186 8.46 1.12 -27.88
C GLU B 186 8.11 1.96 -29.11
N HIS B 187 6.81 2.04 -29.40
CA HIS B 187 6.31 2.78 -30.56
C HIS B 187 6.09 4.26 -30.23
N TRP B 188 6.29 5.12 -31.23
CA TRP B 188 6.16 6.56 -31.05
C TRP B 188 5.90 7.25 -32.39
N ASN B 189 4.80 8.01 -32.46
CA ASN B 189 4.55 8.88 -33.61
C ASN B 189 3.84 10.18 -33.24
N LEU B 190 4.46 11.30 -33.64
CA LEU B 190 4.02 12.64 -33.31
C LEU B 190 2.59 12.88 -33.80
N LEU B 191 1.80 13.57 -32.98
CA LEU B 191 0.43 13.92 -33.36
C LEU B 191 0.25 15.44 -33.45
N TRP B 192 0.91 16.15 -32.55
CA TRP B 192 0.86 17.60 -32.49
C TRP B 192 2.01 18.06 -31.64
N GLN B 193 2.69 19.13 -32.06
CA GLN B 193 3.74 19.74 -31.27
C GLN B 193 3.57 21.25 -31.26
N ARG B 194 3.85 21.87 -30.12
CA ARG B 194 3.83 23.33 -30.05
C ARG B 194 5.09 23.93 -30.66
N GLU B 195 4.94 25.11 -31.26
CA GLU B 195 6.07 25.89 -31.73
C GLU B 195 7.03 26.14 -30.57
N PRO B 196 8.35 25.87 -30.80
CA PRO B 196 9.36 26.04 -29.76
C PRO B 196 9.26 27.39 -29.06
N MET B 197 9.52 27.38 -27.76
CA MET B 197 9.48 28.58 -26.94
C MET B 197 10.88 28.96 -26.46
N GLU B 198 11.01 30.21 -26.00
CA GLU B 198 12.25 30.66 -25.38
C GLU B 198 12.32 30.05 -23.99
N HIS B 199 13.48 29.48 -23.66
CA HIS B 199 13.68 28.80 -22.39
C HIS B 199 14.74 29.49 -21.54
N PRO B 200 14.34 30.54 -20.79
CA PRO B 200 15.32 31.30 -20.01
C PRO B 200 15.76 30.60 -18.69
N PHE B 201 14.92 29.71 -18.17
CA PHE B 201 15.24 28.96 -16.95
C PHE B 201 15.81 27.58 -17.26
N LYS B 202 17.00 27.30 -16.76
CA LYS B 202 17.72 26.07 -17.09
C LYS B 202 18.17 25.26 -15.88
N GLU B 203 17.66 25.57 -14.70
CA GLU B 203 17.97 24.80 -13.51
C GLU B 203 17.12 23.54 -13.47
N ASP B 204 17.68 22.49 -12.88
CA ASP B 204 16.91 21.33 -12.46
C ASP B 204 15.90 21.81 -11.41
N PRO B 205 14.59 21.73 -11.73
CA PRO B 205 13.59 22.29 -10.82
C PRO B 205 13.62 21.68 -9.42
N THR B 206 14.01 20.41 -9.31
CA THR B 206 14.09 19.74 -8.01
C THR B 206 15.22 20.31 -7.16
N GLN B 207 16.40 20.48 -7.76
CA GLN B 207 17.54 21.10 -7.08
C GLN B 207 17.16 22.50 -6.64
N ALA B 208 16.62 23.29 -7.55
CA ALA B 208 16.11 24.62 -7.25
C ALA B 208 15.11 24.60 -6.08
N MET B 209 14.15 23.67 -6.13
CA MET B 209 13.16 23.51 -5.05
C MET B 209 13.78 23.13 -3.70
N MET B 210 14.77 22.23 -3.72
CA MET B 210 15.49 21.87 -2.49
C MET B 210 16.23 23.07 -1.90
N LYS B 211 16.96 23.81 -2.75
CA LYS B 211 17.77 24.96 -2.32
C LYS B 211 16.92 26.10 -1.75
N GLU B 212 15.69 26.23 -2.25
CA GLU B 212 14.82 27.31 -1.85
C GLU B 212 13.79 26.92 -0.78
N GLY B 213 13.85 25.67 -0.33
CA GLY B 213 13.02 25.20 0.77
C GLY B 213 11.56 24.86 0.42
N TRP B 214 11.34 24.40 -0.80
CA TRP B 214 10.01 23.99 -1.28
C TRP B 214 9.65 22.57 -0.84
N LEU B 215 10.66 21.72 -0.78
CA LEU B 215 10.50 20.30 -0.47
C LEU B 215 11.80 19.68 0.04
N LYS B 216 11.69 18.45 0.53
CA LYS B 216 12.81 17.66 1.02
C LYS B 216 12.47 16.19 0.74
N ARG B 217 13.50 15.35 0.65
CA ARG B 217 13.34 13.92 0.44
C ARG B 217 12.69 13.22 1.62
N GLY B 218 11.71 12.38 1.32
CA GLY B 218 11.12 11.50 2.34
C GLY B 218 12.08 10.36 2.65
N SER B 219 11.77 9.59 3.68
CA SER B 219 12.59 8.46 4.10
C SER B 219 12.60 7.26 3.11
N SER B 220 11.54 7.11 2.33
CA SER B 220 11.44 5.98 1.42
C SER B 220 12.08 6.30 0.07
N ARG B 221 12.50 5.24 -0.63
CA ARG B 221 13.04 5.29 -1.99
C ARG B 221 12.17 6.15 -2.92
N GLY B 222 12.79 7.06 -3.67
CA GLY B 222 12.08 7.96 -4.59
C GLY B 222 10.82 8.61 -4.02
N GLN B 223 10.97 9.18 -2.83
CA GLN B 223 9.87 9.77 -2.08
C GLN B 223 10.18 11.20 -1.64
N TRP B 224 9.15 12.04 -1.60
CA TRP B 224 9.31 13.46 -1.34
C TRP B 224 8.30 14.01 -0.33
N ILE B 225 8.76 14.95 0.50
CA ILE B 225 7.86 15.70 1.39
C ILE B 225 7.73 17.11 0.85
N HIS B 226 6.50 17.51 0.58
CA HIS B 226 6.25 18.81 -0.03
C HIS B 226 5.91 19.85 1.02
N GLY B 227 6.76 20.87 1.11
CA GLY B 227 6.50 22.01 1.98
C GLY B 227 5.36 22.84 1.45
N PRO B 228 4.99 23.91 2.17
CA PRO B 228 3.87 24.78 1.78
C PRO B 228 3.93 25.31 0.34
N GLN B 229 5.12 25.64 -0.14
CA GLN B 229 5.30 26.18 -1.49
C GLN B 229 5.03 25.17 -2.61
N SER B 230 5.62 23.98 -2.49
CA SER B 230 5.42 22.90 -3.47
C SER B 230 3.99 22.37 -3.41
N ALA B 231 3.44 22.24 -2.20
CA ALA B 231 2.06 21.78 -2.04
C ALA B 231 1.06 22.76 -2.65
N ARG B 232 1.36 24.05 -2.58
CA ARG B 232 0.53 25.08 -3.20
C ARG B 232 0.45 24.90 -4.72
N ILE B 233 1.58 24.55 -5.32
CA ILE B 233 1.67 24.28 -6.76
C ILE B 233 0.81 23.08 -7.16
N PHE B 234 0.92 21.97 -6.42
CA PHE B 234 0.11 20.76 -6.65
C PHE B 234 -1.39 21.06 -6.58
N ARG B 235 -1.78 21.78 -5.53
CA ARG B 235 -3.17 22.15 -5.32
C ARG B 235 -3.72 23.08 -6.41
N THR B 236 -2.85 23.92 -6.98
CA THR B 236 -3.27 24.82 -8.05
C THR B 236 -3.46 24.08 -9.37
N PHE B 237 -2.59 23.11 -9.66
CA PHE B 237 -2.78 22.21 -10.80
C PHE B 237 -4.11 21.45 -10.68
N GLU B 238 -4.36 20.94 -9.48
CA GLU B 238 -5.56 20.17 -9.18
C GLU B 238 -6.84 21.00 -9.36
N LYS B 239 -6.78 22.26 -8.95
CA LYS B 239 -7.89 23.20 -9.13
C LYS B 239 -8.12 23.55 -10.61
N ILE B 240 -7.04 23.65 -11.38
CA ILE B 240 -7.14 23.86 -12.83
C ILE B 240 -7.84 22.69 -13.53
N VAL B 241 -7.49 21.47 -13.14
CA VAL B 241 -8.11 20.27 -13.72
C VAL B 241 -9.60 20.19 -13.40
N LEU B 242 -9.96 20.47 -12.16
CA LEU B 242 -11.37 20.49 -11.75
C LEU B 242 -12.19 21.55 -12.50
N GLU B 243 -11.68 22.78 -12.50
CA GLU B 243 -12.43 23.93 -13.01
C GLU B 243 -12.41 24.09 -14.53
N GLU B 244 -11.32 23.66 -15.16
CA GLU B 244 -11.16 23.85 -16.61
C GLU B 244 -11.48 22.59 -17.40
N LEU B 245 -11.56 21.45 -16.72
CA LEU B 245 -11.81 20.18 -17.39
C LEU B 245 -12.99 19.40 -16.78
N LEU B 246 -12.84 18.96 -15.54
CA LEU B 246 -13.80 18.03 -14.93
C LEU B 246 -15.20 18.60 -14.73
N GLU B 247 -15.28 19.87 -14.29
CA GLU B 247 -16.58 20.54 -14.11
C GLU B 247 -17.31 20.84 -15.43
N PRO B 248 -16.66 21.56 -16.38
CA PRO B 248 -17.33 21.82 -17.66
C PRO B 248 -17.63 20.57 -18.50
N LEU B 249 -16.95 19.47 -18.23
CA LEU B 249 -17.20 18.23 -18.96
C LEU B 249 -18.13 17.27 -18.21
N GLY B 250 -18.59 17.69 -17.04
CA GLY B 250 -19.59 16.95 -16.27
C GLY B 250 -19.11 15.68 -15.59
N TYR B 251 -17.85 15.71 -15.12
CA TYR B 251 -17.27 14.58 -14.39
C TYR B 251 -17.67 14.60 -12.92
N ARG B 252 -17.88 13.41 -12.35
CA ARG B 252 -18.30 13.30 -10.97
C ARG B 252 -17.21 12.67 -10.13
N GLU B 253 -16.87 13.31 -9.02
CA GLU B 253 -15.84 12.76 -8.16
C GLU B 253 -16.29 11.46 -7.49
N MET B 254 -15.38 10.50 -7.46
CA MET B 254 -15.54 9.31 -6.66
C MET B 254 -14.29 9.16 -5.78
N ILE B 255 -14.32 8.19 -4.86
CA ILE B 255 -13.11 7.80 -4.13
C ILE B 255 -12.81 6.31 -4.42
N PHE B 256 -11.77 6.05 -5.22
CA PHE B 256 -11.32 4.69 -5.49
C PHE B 256 -10.40 4.20 -4.36
N PRO B 257 -10.50 2.90 -3.99
CA PRO B 257 -9.56 2.23 -3.09
C PRO B 257 -8.10 2.35 -3.50
N LYS B 258 -7.20 2.41 -2.51
CA LYS B 258 -5.77 2.55 -2.81
C LYS B 258 -4.99 1.26 -2.61
N LEU B 259 -5.40 0.41 -1.67
CA LEU B 259 -4.85 -0.93 -1.55
C LEU B 259 -5.59 -1.80 -2.58
N VAL B 260 -4.83 -2.38 -3.51
CA VAL B 260 -5.41 -3.15 -4.60
C VAL B 260 -5.14 -4.65 -4.42
N THR B 261 -6.19 -5.45 -4.52
CA THR B 261 -6.12 -6.91 -4.30
C THR B 261 -5.83 -7.70 -5.59
N TRP B 262 -5.34 -8.92 -5.44
CA TRP B 262 -5.14 -9.82 -6.56
C TRP B 262 -6.40 -9.98 -7.43
N GLU B 263 -7.57 -9.95 -6.78
CA GLU B 263 -8.86 -10.05 -7.48
C GLU B 263 -9.05 -8.95 -8.53
N VAL B 264 -8.72 -7.71 -8.15
CA VAL B 264 -8.81 -6.56 -9.05
C VAL B 264 -7.85 -6.68 -10.24
N TRP B 265 -6.61 -7.08 -9.96
CA TRP B 265 -5.57 -7.18 -10.97
C TRP B 265 -5.72 -8.39 -11.91
N MET B 266 -6.40 -9.43 -11.43
CA MET B 266 -6.78 -10.57 -12.29
C MET B 266 -7.82 -10.13 -13.32
N LYS B 267 -8.80 -9.36 -12.88
CA LYS B 267 -9.83 -8.83 -13.78
C LYS B 267 -9.30 -7.76 -14.73
N SER B 268 -8.31 -6.99 -14.29
CA SER B 268 -7.76 -5.91 -15.12
C SER B 268 -6.65 -6.39 -16.06
N GLY B 269 -6.16 -7.60 -15.82
CA GLY B 269 -5.10 -8.18 -16.63
C GLY B 269 -3.70 -7.89 -16.08
N HIS B 270 -3.62 -7.06 -15.05
CA HIS B 270 -2.33 -6.71 -14.45
C HIS B 270 -1.64 -7.93 -13.86
N ALA B 271 -2.43 -8.91 -13.43
CA ALA B 271 -1.91 -10.17 -12.91
C ALA B 271 -1.06 -10.92 -13.94
N LYS B 272 -1.10 -10.47 -15.19
CA LYS B 272 -0.34 -11.08 -16.27
C LYS B 272 1.15 -10.69 -16.30
N GLY B 273 1.52 -9.58 -15.67
CA GLY B 273 2.93 -9.18 -15.62
C GLY B 273 3.33 -7.87 -14.95
N VAL B 274 2.50 -7.37 -14.03
CA VAL B 274 2.79 -6.09 -13.36
C VAL B 274 3.83 -6.22 -12.24
N TYR B 275 4.09 -7.46 -11.86
CA TYR B 275 4.93 -7.84 -10.70
C TYR B 275 6.26 -7.09 -10.47
N PRO B 276 7.07 -6.90 -11.52
CA PRO B 276 8.38 -6.28 -11.24
C PRO B 276 8.34 -4.87 -10.63
N GLU B 277 7.19 -4.21 -10.70
CA GLU B 277 7.09 -2.81 -10.30
C GLU B 277 6.11 -2.48 -9.20
N ILE B 278 5.52 -3.48 -8.55
CA ILE B 278 4.54 -3.17 -7.51
C ILE B 278 5.15 -3.20 -6.11
N TYR B 279 4.68 -2.30 -5.27
CA TYR B 279 4.99 -2.34 -3.86
C TYR B 279 3.96 -3.25 -3.21
N TYR B 280 4.41 -4.42 -2.78
CA TYR B 280 3.55 -5.48 -2.28
C TYR B 280 3.09 -5.19 -0.88
N VAL B 281 1.84 -5.55 -0.59
CA VAL B 281 1.25 -5.33 0.73
C VAL B 281 0.89 -6.66 1.37
N CYS B 282 1.37 -6.87 2.60
CA CYS B 282 1.08 -8.05 3.39
C CYS B 282 0.47 -7.64 4.71
N PRO B 283 -0.70 -8.19 5.04
CA PRO B 283 -1.30 -7.97 6.34
C PRO B 283 -0.61 -8.84 7.41
N PRO B 284 -0.80 -8.52 8.70
CA PRO B 284 -0.29 -9.44 9.71
C PRO B 284 -1.09 -10.73 9.64
N GLN B 285 -0.49 -11.85 10.01
CA GLN B 285 -1.23 -13.12 10.07
C GLN B 285 -2.30 -13.07 11.16
N THR B 286 -2.02 -12.32 12.22
CA THR B 286 -2.98 -12.08 13.31
C THR B 286 -2.71 -10.76 14.04
N ARG B 287 -3.76 -10.24 14.70
CA ARG B 287 -3.67 -9.05 15.56
C ARG B 287 -3.24 -9.40 16.99
N ASP B 288 -3.20 -10.69 17.30
CA ASP B 288 -2.85 -11.18 18.63
C ASP B 288 -1.51 -10.58 19.07
N PRO B 289 -1.54 -9.73 20.12
CA PRO B 289 -0.31 -9.06 20.59
C PRO B 289 0.78 -10.01 21.08
N ASP B 290 0.39 -11.22 21.51
CA ASP B 290 1.34 -12.26 21.91
C ASP B 290 2.20 -12.76 20.75
N TYR B 291 1.60 -12.77 19.56
CA TYR B 291 2.27 -13.18 18.33
C TYR B 291 3.36 -12.17 17.94
N TRP B 292 3.14 -10.90 18.27
CA TRP B 292 4.05 -9.82 17.91
C TRP B 292 4.98 -9.38 19.04
N GLU B 293 4.82 -9.99 20.21
CA GLU B 293 5.66 -9.72 21.37
C GLU B 293 7.14 -9.93 21.08
N GLU B 294 7.47 -11.04 20.40
CA GLU B 294 8.84 -11.38 20.03
C GLU B 294 9.52 -10.30 19.16
N VAL B 295 8.73 -9.64 18.31
CA VAL B 295 9.22 -8.57 17.44
C VAL B 295 9.53 -7.30 18.24
N ALA B 296 8.57 -6.87 19.07
CA ALA B 296 8.72 -5.71 19.94
C ALA B 296 9.86 -5.89 20.93
N ASP B 297 9.95 -7.08 21.52
CA ASP B 297 11.02 -7.41 22.46
C ASP B 297 12.39 -7.33 21.82
N TYR B 298 12.51 -7.82 20.58
CA TYR B 298 13.74 -7.75 19.80
C TYR B 298 14.19 -6.30 19.60
N TYR B 299 13.26 -5.44 19.19
CA TYR B 299 13.56 -4.03 18.97
C TYR B 299 13.96 -3.32 20.27
N LYS B 300 13.23 -3.60 21.35
CA LYS B 300 13.51 -2.97 22.65
C LYS B 300 14.91 -3.31 23.19
N VAL B 301 15.36 -4.53 22.91
CA VAL B 301 16.69 -4.97 23.32
C VAL B 301 17.81 -4.48 22.39
N THR B 302 17.58 -4.50 21.08
CA THR B 302 18.64 -4.21 20.11
C THR B 302 18.60 -2.80 19.51
N HIS B 303 17.43 -2.14 19.57
CA HIS B 303 17.12 -0.93 18.80
C HIS B 303 17.11 -1.19 17.30
N GLU B 304 16.97 -2.46 16.91
CA GLU B 304 16.86 -2.83 15.52
C GLU B 304 15.51 -3.48 15.27
N VAL B 305 14.88 -3.12 14.15
CA VAL B 305 13.66 -3.77 13.70
C VAL B 305 14.05 -5.10 13.05
N PRO B 306 13.51 -6.23 13.56
CA PRO B 306 13.85 -7.55 13.04
C PRO B 306 13.04 -7.88 11.78
N THR B 307 13.48 -7.34 10.64
CA THR B 307 12.74 -7.42 9.38
C THR B 307 12.62 -8.85 8.85
N LYS B 308 13.62 -9.68 9.13
CA LYS B 308 13.58 -11.12 8.76
C LYS B 308 12.50 -11.90 9.52
N LEU B 309 12.38 -11.63 10.82
CA LEU B 309 11.36 -12.25 11.67
C LEU B 309 9.96 -11.73 11.32
N ILE B 310 9.86 -10.45 11.01
CA ILE B 310 8.60 -9.84 10.61
C ILE B 310 8.07 -10.47 9.32
N LYS B 311 8.97 -10.74 8.37
CA LYS B 311 8.57 -11.35 7.11
C LYS B 311 7.98 -12.74 7.31
N GLU B 312 8.49 -13.47 8.31
CA GLU B 312 7.96 -14.79 8.68
C GLU B 312 6.56 -14.67 9.29
N LYS B 313 6.29 -13.52 9.91
CA LYS B 313 5.07 -13.29 10.67
C LYS B 313 3.93 -12.62 9.89
N ILE B 314 4.25 -12.01 8.76
CA ILE B 314 3.21 -11.42 7.92
C ILE B 314 2.59 -12.50 7.03
N ALA B 315 1.40 -12.21 6.52
CA ALA B 315 0.72 -13.14 5.63
C ALA B 315 1.36 -13.01 4.24
N GLU B 316 1.00 -13.91 3.34
CA GLU B 316 1.32 -13.79 1.92
C GLU B 316 0.68 -12.51 1.40
N PRO B 317 1.29 -11.89 0.36
CA PRO B 317 0.72 -10.61 -0.11
C PRO B 317 -0.71 -10.76 -0.63
N ILE B 318 -1.56 -9.79 -0.29
CA ILE B 318 -2.96 -9.78 -0.73
C ILE B 318 -3.13 -9.00 -2.04
N GLY B 319 -2.04 -8.35 -2.46
CA GLY B 319 -2.01 -7.46 -3.61
C GLY B 319 -0.89 -6.47 -3.40
N GLY B 320 -1.14 -5.20 -3.68
CA GLY B 320 -0.11 -4.17 -3.59
C GLY B 320 -0.73 -2.79 -3.57
N MET B 321 0.12 -1.77 -3.42
N MET B 321 0.11 -1.76 -3.40
CA MET B 321 -0.31 -0.37 -3.40
CA MET B 321 -0.40 -0.40 -3.37
C MET B 321 -0.79 0.07 -4.78
C MET B 321 -0.77 0.09 -4.77
N CYS B 322 -1.72 1.03 -4.81
CA CYS B 322 -2.23 1.62 -6.05
C CYS B 322 -1.16 1.84 -7.12
N TYR B 323 -1.39 1.28 -8.30
CA TYR B 323 -0.40 1.30 -9.36
C TYR B 323 -0.91 2.07 -10.57
N ALA B 324 -2.07 1.66 -11.10
CA ALA B 324 -2.67 2.30 -12.26
C ALA B 324 -3.89 3.17 -11.88
N GLN B 325 -4.33 3.04 -10.63
CA GLN B 325 -5.37 3.88 -10.01
C GLN B 325 -6.80 3.53 -10.43
N CYS B 326 -7.02 3.33 -11.72
CA CYS B 326 -8.37 3.02 -12.22
C CYS B 326 -8.90 1.61 -11.90
N PRO B 327 -8.03 0.57 -11.96
CA PRO B 327 -8.53 -0.80 -11.73
C PRO B 327 -9.49 -1.03 -10.53
N PRO B 328 -9.15 -0.54 -9.32
CA PRO B 328 -10.04 -0.79 -8.18
C PRO B 328 -11.41 -0.12 -8.25
N PHE B 329 -11.55 0.91 -9.08
CA PHE B 329 -12.86 1.52 -9.34
C PHE B 329 -13.84 0.50 -9.95
N TRP B 330 -13.31 -0.35 -10.81
CA TRP B 330 -14.15 -1.24 -11.62
C TRP B 330 -14.88 -2.29 -10.80
N MET B 331 -14.49 -2.43 -9.54
CA MET B 331 -15.23 -3.26 -8.60
C MET B 331 -16.59 -2.67 -8.26
N TYR B 332 -16.74 -1.36 -8.47
CA TYR B 332 -18.01 -0.65 -8.31
C TYR B 332 -19.05 -1.10 -9.35
N VAL B 333 -18.58 -1.32 -10.58
CA VAL B 333 -19.47 -1.67 -11.69
C VAL B 333 -19.41 -3.17 -12.05
N ALA B 334 -18.51 -3.91 -11.41
CA ALA B 334 -18.32 -5.35 -11.66
C ALA B 334 -19.62 -6.17 -11.61
N GLY B 335 -19.90 -6.90 -12.69
CA GLY B 335 -21.05 -7.80 -12.76
C GLY B 335 -22.40 -7.14 -12.87
N GLU B 336 -22.41 -5.83 -13.10
CA GLU B 336 -23.65 -5.06 -13.20
C GLU B 336 -24.02 -4.80 -14.66
N THR B 337 -25.27 -4.37 -14.85
CA THR B 337 -25.76 -3.93 -16.14
C THR B 337 -26.16 -2.47 -16.00
N LEU B 338 -25.62 -1.63 -16.88
CA LEU B 338 -25.94 -0.21 -16.88
C LEU B 338 -27.12 0.11 -17.81
N PRO B 339 -28.11 0.87 -17.30
CA PRO B 339 -29.16 1.41 -18.16
C PRO B 339 -28.56 2.39 -19.15
N ASN B 340 -29.09 2.44 -20.36
CA ASN B 340 -28.55 3.30 -21.41
C ASN B 340 -28.58 4.79 -21.08
N GLU B 341 -29.48 5.21 -20.20
CA GLU B 341 -29.57 6.61 -19.79
C GLU B 341 -28.49 6.98 -18.77
N GLU B 342 -27.80 5.96 -18.25
CA GLU B 342 -26.73 6.16 -17.26
C GLU B 342 -25.34 6.33 -17.89
N ILE B 343 -25.24 6.17 -19.21
CA ILE B 343 -23.95 6.36 -19.91
C ILE B 343 -23.98 7.60 -20.81
N PRO B 344 -22.80 8.21 -21.06
CA PRO B 344 -21.48 7.86 -20.54
C PRO B 344 -21.34 8.04 -19.02
N VAL B 345 -20.68 7.09 -18.37
CA VAL B 345 -20.27 7.22 -16.98
C VAL B 345 -18.94 7.98 -16.93
N LYS B 346 -18.96 9.17 -16.35
CA LYS B 346 -17.79 10.05 -16.32
C LYS B 346 -17.37 10.39 -14.88
N VAL B 347 -16.33 9.71 -14.40
CA VAL B 347 -15.91 9.84 -13.00
C VAL B 347 -14.43 10.17 -12.86
N PHE B 348 -14.04 10.68 -11.68
CA PHE B 348 -12.62 10.89 -11.39
C PHE B 348 -12.27 10.63 -9.93
N ASP B 349 -10.96 10.45 -9.69
CA ASP B 349 -10.44 10.18 -8.35
C ASP B 349 -9.15 10.96 -8.12
N ARG B 350 -9.02 11.50 -6.91
CA ARG B 350 -7.83 12.25 -6.50
C ARG B 350 -7.63 12.05 -4.99
N SER B 351 -7.82 10.82 -4.55
CA SER B 351 -7.92 10.55 -3.11
C SER B 351 -6.67 9.95 -2.48
N GLY B 352 -5.57 9.89 -3.22
CA GLY B 352 -4.35 9.34 -2.63
C GLY B 352 -3.20 8.99 -3.54
N THR B 353 -2.30 8.18 -3.00
CA THR B 353 -0.99 7.97 -3.61
C THR B 353 -0.89 6.72 -4.46
N SER B 354 -0.04 6.81 -5.48
CA SER B 354 0.30 5.67 -6.32
C SER B 354 1.77 5.33 -6.07
N HIS B 355 2.08 4.05 -6.15
CA HIS B 355 3.41 3.57 -5.79
C HIS B 355 3.92 2.57 -6.83
N ARG B 356 5.12 2.85 -7.37
CA ARG B 356 5.74 1.98 -8.36
C ARG B 356 7.21 1.82 -8.04
N TYR B 357 7.70 0.59 -8.09
CA TYR B 357 9.09 0.33 -7.81
C TYR B 357 9.94 0.58 -9.06
N GLU B 358 10.24 1.85 -9.32
CA GLU B 358 10.97 2.26 -10.52
C GLU B 358 12.46 1.89 -10.47
N SER B 359 13.17 2.16 -11.55
CA SER B 359 14.61 1.85 -11.63
C SER B 359 15.39 2.70 -10.63
N GLY B 360 16.49 2.13 -10.12
CA GLY B 360 17.28 2.74 -9.07
C GLY B 360 18.02 4.00 -9.48
N GLY B 361 18.63 4.65 -8.49
CA GLY B 361 19.34 5.91 -8.70
C GLY B 361 18.70 7.02 -7.89
N ILE B 362 19.47 8.06 -7.59
CA ILE B 362 18.97 9.20 -6.85
C ILE B 362 18.47 10.25 -7.85
N HIS B 363 17.15 10.50 -7.83
CA HIS B 363 16.52 11.38 -8.81
C HIS B 363 15.71 12.50 -8.18
N GLY B 364 15.27 13.43 -9.02
CA GLY B 364 14.35 14.49 -8.61
C GLY B 364 12.91 14.04 -8.78
N ILE B 365 11.99 15.01 -8.73
CA ILE B 365 10.55 14.69 -8.74
C ILE B 365 10.03 14.19 -10.08
N GLU B 366 10.88 14.24 -11.11
CA GLU B 366 10.56 13.69 -12.43
C GLU B 366 10.62 12.15 -12.45
N ARG B 367 11.27 11.55 -11.45
CA ARG B 367 11.39 10.09 -11.34
C ARG B 367 11.17 9.65 -9.89
N VAL B 368 9.92 9.32 -9.54
CA VAL B 368 9.57 8.97 -8.16
C VAL B 368 8.85 7.61 -8.02
N ASP B 369 8.95 7.01 -6.83
CA ASP B 369 8.25 5.77 -6.47
C ASP B 369 6.89 6.04 -5.84
N GLU B 370 6.70 7.25 -5.33
CA GLU B 370 5.43 7.64 -4.74
C GLU B 370 4.94 8.92 -5.40
N PHE B 371 3.81 8.83 -6.09
CA PHE B 371 3.29 9.99 -6.82
C PHE B 371 1.80 10.26 -6.58
N HIS B 372 1.34 11.42 -7.04
CA HIS B 372 -0.04 11.85 -6.85
C HIS B 372 -0.62 12.14 -8.21
N ARG B 373 -1.68 11.42 -8.55
CA ARG B 373 -2.32 11.50 -9.86
C ARG B 373 -3.83 11.73 -9.73
N ILE B 374 -4.39 12.50 -10.66
CA ILE B 374 -5.84 12.57 -10.83
C ILE B 374 -6.20 11.56 -11.93
N GLU B 375 -6.92 10.51 -11.53
CA GLU B 375 -7.36 9.48 -12.48
C GLU B 375 -8.76 9.81 -12.95
N ILE B 376 -8.89 9.98 -14.26
CA ILE B 376 -10.13 10.34 -14.92
C ILE B 376 -10.58 9.11 -15.71
N VAL B 377 -11.82 8.70 -15.52
CA VAL B 377 -12.35 7.47 -16.12
C VAL B 377 -13.72 7.74 -16.76
N TRP B 378 -13.95 7.15 -17.93
CA TRP B 378 -15.23 7.25 -18.61
C TRP B 378 -15.64 5.93 -19.28
N ILE B 379 -16.95 5.66 -19.27
CA ILE B 379 -17.52 4.40 -19.79
C ILE B 379 -18.76 4.70 -20.63
N GLY B 380 -18.92 3.98 -21.73
CA GLY B 380 -20.08 4.12 -22.60
C GLY B 380 -19.90 3.29 -23.84
N THR B 381 -20.59 3.67 -24.91
CA THR B 381 -20.39 3.04 -26.22
C THR B 381 -19.07 3.49 -26.82
N LYS B 382 -18.62 2.78 -27.86
CA LYS B 382 -17.42 3.13 -28.62
C LYS B 382 -17.40 4.61 -29.00
N GLU B 383 -18.47 5.08 -29.63
CA GLU B 383 -18.56 6.46 -30.10
C GLU B 383 -18.58 7.51 -28.97
N GLU B 384 -19.23 7.16 -27.86
CA GLU B 384 -19.23 8.03 -26.68
C GLU B 384 -17.84 8.13 -26.04
N VAL B 385 -17.15 6.99 -25.96
CA VAL B 385 -15.78 6.93 -25.45
C VAL B 385 -14.80 7.72 -26.33
N LEU B 386 -14.91 7.57 -27.64
CA LEU B 386 -14.12 8.37 -28.58
C LEU B 386 -14.37 9.86 -28.41
N LYS B 387 -15.64 10.23 -28.26
CA LYS B 387 -16.04 11.62 -28.06
C LYS B 387 -15.49 12.20 -26.76
N CYS B 388 -15.59 11.43 -25.66
CA CYS B 388 -15.09 11.89 -24.37
C CYS B 388 -13.59 12.13 -24.40
N ALA B 389 -12.88 11.27 -25.13
CA ALA B 389 -11.44 11.42 -25.36
C ALA B 389 -11.13 12.73 -26.10
N GLU B 390 -11.92 13.02 -27.15
CA GLU B 390 -11.80 14.28 -27.89
C GLU B 390 -12.01 15.51 -27.02
N GLU B 391 -13.03 15.46 -26.16
CA GLU B 391 -13.39 16.56 -25.27
C GLU B 391 -12.29 16.86 -24.26
N LEU B 392 -11.62 15.82 -23.77
CA LEU B 392 -10.52 15.96 -22.84
C LEU B 392 -9.31 16.57 -23.53
N HIS B 393 -8.94 16.02 -24.69
CA HIS B 393 -7.87 16.56 -25.51
C HIS B 393 -8.04 18.07 -25.74
N ASP B 394 -9.28 18.48 -26.07
CA ASP B 394 -9.58 19.89 -26.30
C ASP B 394 -9.37 20.75 -25.05
N ARG B 395 -9.81 20.25 -23.90
CA ARG B 395 -9.61 20.96 -22.62
C ARG B 395 -8.15 20.99 -22.17
N TYR B 396 -7.43 19.90 -22.41
CA TYR B 396 -5.99 19.83 -22.11
C TYR B 396 -5.19 20.82 -22.95
N MET B 397 -5.55 20.94 -24.24
CA MET B 397 -4.90 21.87 -25.16
C MET B 397 -5.02 23.32 -24.72
N HIS B 398 -6.21 23.69 -24.24
CA HIS B 398 -6.44 25.02 -23.67
C HIS B 398 -5.58 25.25 -22.43
N ILE B 399 -5.58 24.28 -21.50
CA ILE B 399 -4.81 24.38 -20.27
C ILE B 399 -3.31 24.64 -20.54
N PHE B 400 -2.70 23.80 -21.37
CA PHE B 400 -1.26 23.86 -21.60
C PHE B 400 -0.84 25.04 -22.47
N ASN B 401 -1.68 25.39 -23.44
CA ASN B 401 -1.41 26.55 -24.28
C ASN B 401 -1.65 27.88 -23.59
N ASP B 402 -2.76 27.98 -22.86
CA ASP B 402 -3.27 29.29 -22.40
C ASP B 402 -3.03 29.61 -20.94
N ILE B 403 -3.00 28.58 -20.09
CA ILE B 403 -2.88 28.79 -18.64
C ILE B 403 -1.46 28.51 -18.13
N LEU B 404 -0.96 27.30 -18.38
CA LEU B 404 0.43 26.98 -18.04
C LEU B 404 1.41 27.62 -19.04
N ASP B 405 0.96 27.76 -20.28
CA ASP B 405 1.76 28.32 -21.39
C ASP B 405 3.11 27.62 -21.52
N ILE B 406 3.06 26.30 -21.59
CA ILE B 406 4.26 25.48 -21.69
C ILE B 406 4.51 24.99 -23.12
N GLU B 407 5.75 24.63 -23.41
CA GLU B 407 6.08 23.95 -24.66
C GLU B 407 5.83 22.45 -24.48
N TRP B 408 4.93 21.92 -25.30
CA TRP B 408 4.54 20.52 -25.20
C TRP B 408 4.19 19.89 -26.55
N ARG B 409 3.98 18.58 -26.53
CA ARG B 409 3.57 17.82 -27.71
C ARG B 409 2.74 16.62 -27.25
N LYS B 410 2.07 15.97 -28.20
CA LYS B 410 1.42 14.70 -27.92
C LYS B 410 1.71 13.67 -29.01
N ALA B 411 1.82 12.41 -28.62
CA ALA B 411 2.17 11.33 -29.54
C ALA B 411 1.45 10.03 -29.22
N ARG B 412 1.03 9.31 -30.27
CA ARG B 412 0.50 7.95 -30.09
C ARG B 412 1.62 6.99 -29.72
N VAL B 413 1.35 6.18 -28.70
CA VAL B 413 2.37 5.34 -28.08
C VAL B 413 1.78 3.96 -27.77
N THR B 414 2.63 3.02 -27.33
CA THR B 414 2.17 1.70 -26.86
C THR B 414 1.12 1.85 -25.74
N PRO B 415 -0.08 1.26 -25.93
CA PRO B 415 -1.15 1.31 -24.93
C PRO B 415 -0.65 0.98 -23.52
N TRP B 416 -0.96 1.86 -22.58
CA TRP B 416 -0.50 1.76 -21.19
C TRP B 416 -0.77 0.40 -20.53
N PHE B 417 -1.93 -0.20 -20.83
CA PHE B 417 -2.33 -1.46 -20.23
C PHE B 417 -1.49 -2.63 -20.71
N MET B 418 -1.03 -2.56 -21.95
CA MET B 418 -0.13 -3.56 -22.53
C MET B 418 1.26 -3.49 -21.90
N ALA B 419 1.78 -2.26 -21.79
CA ALA B 419 3.10 -2.02 -21.22
C ALA B 419 3.22 -2.53 -19.78
N GLN B 420 2.13 -2.37 -19.02
CA GLN B 420 2.08 -2.81 -17.62
C GLN B 420 1.80 -4.31 -17.50
N GLU B 421 1.62 -4.98 -18.63
CA GLU B 421 1.52 -6.44 -18.69
C GLU B 421 2.81 -7.06 -19.25
N GLY B 422 3.75 -6.21 -19.64
CA GLY B 422 5.02 -6.65 -20.22
C GLY B 422 5.03 -6.67 -21.73
N LEU B 423 3.93 -6.21 -22.34
CA LEU B 423 3.75 -6.21 -23.79
C LEU B 423 4.16 -4.89 -24.44
N LEU B 424 4.55 -4.97 -25.71
CA LEU B 424 4.89 -3.79 -26.51
C LEU B 424 4.00 -3.74 -27.76
N GLY B 425 4.27 -2.79 -28.65
CA GLY B 425 3.48 -2.61 -29.86
C GLY B 425 2.13 -1.95 -29.59
N LEU B 426 1.22 -2.07 -30.54
CA LEU B 426 -0.08 -1.41 -30.48
C LEU B 426 -1.21 -2.43 -30.43
N ALA B 427 -2.43 -1.95 -30.15
CA ALA B 427 -3.63 -2.77 -30.29
C ALA B 427 -4.04 -2.82 -31.76
N GLU B 428 -4.69 -3.92 -32.17
CA GLU B 428 -5.06 -4.11 -33.57
C GLU B 428 -6.33 -3.36 -33.98
N GLU B 429 -7.09 -2.89 -33.00
CA GLU B 429 -8.20 -1.97 -33.22
C GLU B 429 -7.61 -0.56 -33.25
N ASN B 430 -7.54 0.03 -34.44
CA ASN B 430 -6.81 1.29 -34.69
C ASN B 430 -7.18 2.46 -33.77
N THR B 431 -8.37 2.41 -33.18
CA THR B 431 -8.83 3.46 -32.26
C THR B 431 -8.43 3.21 -30.80
N VAL B 432 -8.11 1.96 -30.47
CA VAL B 432 -7.63 1.58 -29.14
C VAL B 432 -6.14 1.91 -28.97
N GLY B 433 -5.83 2.69 -27.93
CA GLY B 433 -4.45 3.02 -27.60
C GLY B 433 -4.31 4.21 -26.69
N THR B 434 -3.06 4.65 -26.51
CA THR B 434 -2.69 5.72 -25.58
C THR B 434 -2.06 6.90 -26.32
N THR B 435 -2.47 8.11 -25.93
CA THR B 435 -1.82 9.33 -26.35
C THR B 435 -1.06 9.94 -25.16
N ASP B 436 0.25 10.05 -25.32
CA ASP B 436 1.10 10.65 -24.29
C ASP B 436 1.29 12.15 -24.53
N TYR B 437 1.27 12.91 -23.44
CA TYR B 437 1.65 14.31 -23.47
C TYR B 437 3.08 14.43 -22.97
N GLU B 438 3.94 15.04 -23.78
CA GLU B 438 5.36 15.21 -23.45
C GLU B 438 5.77 16.68 -23.49
N ALA B 439 6.65 17.07 -22.57
CA ALA B 439 7.17 18.45 -22.52
C ALA B 439 8.68 18.48 -22.26
N CYS B 440 9.36 19.45 -22.87
CA CYS B 440 10.81 19.57 -22.74
C CYS B 440 11.22 20.16 -21.39
N LEU B 441 12.33 19.65 -20.87
CA LEU B 441 12.91 20.15 -19.62
C LEU B 441 14.24 20.80 -19.99
N PRO B 442 14.27 22.15 -20.08
CA PRO B 442 15.44 22.90 -20.58
C PRO B 442 16.76 22.58 -19.89
N TYR B 443 16.72 22.09 -18.65
CA TYR B 443 17.96 21.73 -17.93
C TYR B 443 18.62 20.48 -18.52
N ARG B 444 17.83 19.66 -19.21
CA ARG B 444 18.34 18.46 -19.89
C ARG B 444 19.08 18.78 -21.21
N GLY B 445 19.13 20.06 -21.58
CA GLY B 445 19.87 20.48 -22.78
C GLY B 445 19.06 20.39 -24.05
N PRO B 446 19.60 20.93 -25.16
CA PRO B 446 18.85 20.99 -26.43
C PRO B 446 18.45 19.63 -27.01
N ASP B 447 19.12 18.56 -26.59
CA ASP B 447 18.86 17.21 -27.10
C ASP B 447 18.38 16.23 -26.01
N GLY B 448 18.05 16.76 -24.84
CA GLY B 448 17.56 15.93 -23.74
C GLY B 448 16.18 15.36 -24.05
N GLU B 449 15.86 14.23 -23.43
CA GLU B 449 14.56 13.57 -23.62
C GLU B 449 13.43 14.38 -23.00
N TRP B 450 12.31 14.47 -23.72
CA TRP B 450 11.12 15.14 -23.22
C TRP B 450 10.46 14.28 -22.14
N LEU B 451 9.67 14.89 -21.27
CA LEU B 451 9.06 14.19 -20.16
C LEU B 451 7.57 13.98 -20.38
N GLU B 452 7.15 12.72 -20.28
CA GLU B 452 5.73 12.39 -20.30
C GLU B 452 5.12 12.90 -19.00
N PHE B 453 4.12 13.76 -19.10
CA PHE B 453 3.52 14.34 -17.91
C PHE B 453 2.06 13.97 -17.71
N GLN B 454 1.45 13.34 -18.71
CA GLN B 454 0.10 12.78 -18.60
C GLN B 454 -0.26 12.00 -19.86
N ASN B 455 -1.36 11.24 -19.80
CA ASN B 455 -1.87 10.55 -20.98
C ASN B 455 -3.40 10.55 -21.08
N VAL B 456 -3.90 10.18 -22.26
CA VAL B 456 -5.32 9.93 -22.51
C VAL B 456 -5.41 8.63 -23.29
N SER B 457 -6.21 7.69 -22.80
CA SER B 457 -6.30 6.36 -23.41
C SER B 457 -7.70 5.89 -23.72
N ILE B 458 -7.82 5.20 -24.84
CA ILE B 458 -9.03 4.48 -25.20
C ILE B 458 -8.70 2.99 -25.06
N ASN B 459 -9.40 2.32 -24.15
CA ASN B 459 -9.05 0.96 -23.74
C ASN B 459 -9.91 -0.14 -24.36
N GLY B 460 -10.85 0.25 -25.22
CA GLY B 460 -11.78 -0.70 -25.84
C GLY B 460 -12.69 -1.38 -24.84
N ASP B 461 -12.99 -2.65 -25.09
CA ASP B 461 -13.90 -3.44 -24.26
C ASP B 461 -13.20 -4.18 -23.11
N LYS B 462 -11.89 -3.95 -22.98
CA LYS B 462 -11.05 -4.73 -22.06
C LYS B 462 -11.57 -4.79 -20.64
N TYR B 463 -11.89 -3.62 -20.08
CA TYR B 463 -12.34 -3.51 -18.70
C TYR B 463 -13.78 -3.99 -18.47
N PRO B 464 -14.74 -3.53 -19.29
CA PRO B 464 -16.09 -4.14 -19.29
C PRO B 464 -16.09 -5.67 -19.41
N LYS B 465 -15.24 -6.22 -20.28
CA LYS B 465 -15.11 -7.68 -20.40
C LYS B 465 -14.45 -8.27 -19.16
N GLY B 466 -13.34 -7.68 -18.73
CA GLY B 466 -12.56 -8.18 -17.60
C GLY B 466 -13.32 -8.24 -16.29
N PHE B 467 -14.15 -7.22 -16.05
CA PHE B 467 -14.92 -7.10 -14.80
C PHE B 467 -16.37 -7.55 -14.96
N ASN B 468 -16.76 -7.87 -16.19
CA ASN B 468 -18.12 -8.27 -16.55
C ASN B 468 -19.15 -7.15 -16.35
N VAL B 469 -18.97 -6.07 -17.10
CA VAL B 469 -19.92 -4.97 -17.07
C VAL B 469 -20.67 -4.99 -18.40
N LYS B 470 -22.00 -4.92 -18.32
CA LYS B 470 -22.82 -4.96 -19.54
C LYS B 470 -23.63 -3.69 -19.69
N LEU B 471 -24.11 -3.49 -20.92
CA LEU B 471 -25.00 -2.41 -21.28
C LEU B 471 -26.36 -3.02 -21.57
N GLN B 472 -27.42 -2.35 -21.12
CA GLN B 472 -28.80 -2.82 -21.27
C GLN B 472 -29.17 -3.20 -22.71
N SER B 473 -28.78 -2.34 -23.66
CA SER B 473 -29.11 -2.54 -25.08
C SER B 473 -28.38 -3.73 -25.70
N GLY B 474 -27.37 -4.24 -25.01
CA GLY B 474 -26.56 -5.36 -25.50
C GLY B 474 -25.49 -4.91 -26.49
N ASP B 475 -25.41 -3.61 -26.74
CA ASP B 475 -24.30 -3.03 -27.51
C ASP B 475 -23.04 -3.04 -26.64
N GLU B 476 -21.88 -3.12 -27.28
CA GLU B 476 -20.60 -3.22 -26.60
C GLU B 476 -20.32 -2.05 -25.68
N LEU B 477 -19.73 -2.34 -24.52
CA LEU B 477 -19.29 -1.29 -23.61
C LEU B 477 -17.79 -1.03 -23.76
N TRP B 478 -17.46 0.24 -23.99
CA TRP B 478 -16.07 0.65 -24.03
C TRP B 478 -15.76 1.53 -22.83
N SER B 479 -14.47 1.67 -22.54
CA SER B 479 -14.02 2.67 -21.58
C SER B 479 -12.72 3.29 -22.02
N GLY B 480 -12.40 4.42 -21.40
CA GLY B 480 -11.09 5.04 -21.49
C GLY B 480 -10.67 5.54 -20.13
N CYS B 481 -9.41 5.96 -20.03
CA CYS B 481 -8.92 6.66 -18.85
C CYS B 481 -7.88 7.72 -19.19
N SER B 482 -7.66 8.62 -18.25
CA SER B 482 -6.67 9.68 -18.38
C SER B 482 -5.99 9.85 -17.03
N GLY B 483 -4.66 9.85 -17.03
CA GLY B 483 -3.88 9.98 -15.80
C GLY B 483 -3.07 11.26 -15.77
N VAL B 484 -3.39 12.13 -14.80
CA VAL B 484 -2.72 13.42 -14.63
C VAL B 484 -1.75 13.28 -13.49
N GLY B 485 -0.45 13.23 -13.79
CA GLY B 485 0.57 13.09 -12.76
C GLY B 485 1.07 14.44 -12.27
N LEU B 486 0.71 14.78 -11.03
CA LEU B 486 1.01 16.10 -10.50
C LEU B 486 2.50 16.44 -10.38
N GLU B 487 3.31 15.46 -9.96
CA GLU B 487 4.77 15.65 -9.92
C GLU B 487 5.29 16.02 -11.30
N ARG B 488 4.79 15.33 -12.34
CA ARG B 488 5.21 15.55 -13.71
C ARG B 488 4.81 16.92 -14.25
N TRP B 489 3.60 17.38 -13.91
CA TRP B 489 3.17 18.74 -14.24
C TRP B 489 4.12 19.77 -13.62
N ALA B 490 4.50 19.53 -12.37
CA ALA B 490 5.39 20.42 -11.61
C ALA B 490 6.81 20.43 -12.18
N ALA B 491 7.35 19.25 -12.48
CA ALA B 491 8.68 19.14 -13.07
C ALA B 491 8.75 19.92 -14.37
N VAL B 492 7.70 19.77 -15.20
CA VAL B 492 7.59 20.43 -16.49
C VAL B 492 7.37 21.95 -16.36
N PHE B 493 6.41 22.36 -15.51
CA PHE B 493 6.08 23.76 -15.37
C PHE B 493 7.25 24.55 -14.76
N LEU B 494 7.86 24.00 -13.71
CA LEU B 494 8.92 24.70 -13.02
C LEU B 494 10.27 24.67 -13.75
N ALA B 495 10.50 23.62 -14.55
CA ALA B 495 11.71 23.55 -15.40
C ALA B 495 11.68 24.63 -16.47
N GLN B 496 10.49 24.90 -17.00
CA GLN B 496 10.32 25.90 -18.05
C GLN B 496 10.12 27.32 -17.53
N LYS B 497 9.43 27.46 -16.39
CA LYS B 497 9.08 28.80 -15.89
C LYS B 497 9.90 29.31 -14.70
N GLY B 498 10.62 28.41 -14.03
CA GLY B 498 11.30 28.75 -12.78
C GLY B 498 10.38 28.78 -11.58
N LEU B 499 10.93 29.18 -10.43
CA LEU B 499 10.19 29.16 -9.16
C LEU B 499 9.69 30.55 -8.74
N ASP B 500 10.07 31.57 -9.50
CA ASP B 500 9.67 32.95 -9.24
C ASP B 500 8.33 33.28 -9.90
N PRO B 501 7.30 33.59 -9.09
CA PRO B 501 5.96 33.95 -9.57
C PRO B 501 5.92 35.15 -10.52
N ALA B 502 6.90 36.05 -10.42
CA ALA B 502 7.00 37.20 -11.32
C ALA B 502 7.22 36.79 -12.78
N ASN B 503 7.82 35.62 -12.99
CA ASN B 503 8.06 35.08 -14.33
C ASN B 503 7.00 34.06 -14.77
N TRP B 504 6.03 33.77 -13.90
CA TRP B 504 4.93 32.86 -14.26
C TRP B 504 3.87 33.57 -15.10
N PRO B 505 3.14 32.82 -15.95
CA PRO B 505 2.06 33.38 -16.75
C PRO B 505 0.96 33.97 -15.87
N GLU B 506 0.36 35.07 -16.33
CA GLU B 506 -0.69 35.79 -15.61
C GLU B 506 -1.83 34.88 -15.17
N GLU B 507 -2.30 34.02 -16.08
CA GLU B 507 -3.43 33.13 -15.82
C GLU B 507 -3.14 32.13 -14.71
N PHE B 508 -1.89 31.65 -14.65
CA PHE B 508 -1.46 30.76 -13.60
C PHE B 508 -1.29 31.50 -12.28
N ARG B 509 -0.69 32.70 -12.35
CA ARG B 509 -0.42 33.52 -11.16
C ARG B 509 -1.71 33.92 -10.43
N ASN B 510 -2.77 34.16 -11.21
CA ASN B 510 -4.08 34.48 -10.65
C ASN B 510 -4.68 33.32 -9.86
N ARG B 511 -4.47 32.11 -10.34
CA ARG B 511 -5.05 30.92 -9.72
C ARG B 511 -4.31 30.47 -8.47
N VAL B 512 -2.98 30.58 -8.50
CA VAL B 512 -2.12 30.26 -7.34
C VAL B 512 -2.44 31.13 -6.14
N GLY B 513 -2.78 32.40 -6.40
CA GLY B 513 -2.96 33.39 -5.35
C GLY B 513 -1.61 33.81 -4.82
N GLU B 514 -1.59 34.27 -3.57
CA GLU B 514 -0.35 34.65 -2.92
C GLU B 514 0.37 33.39 -2.45
N MET B 515 1.59 33.17 -2.93
CA MET B 515 2.38 32.01 -2.52
C MET B 515 2.68 32.06 -1.02
N PRO B 516 2.63 30.90 -0.36
CA PRO B 516 2.91 30.88 1.07
C PRO B 516 4.41 30.85 1.34
N LYS B 517 4.78 31.10 2.59
CA LYS B 517 6.16 30.96 3.04
C LYS B 517 6.44 29.50 3.32
N GLY B 518 7.67 29.07 3.08
CA GLY B 518 8.12 27.76 3.51
C GLY B 518 8.48 27.79 4.99
N ILE B 519 9.04 26.69 5.48
CA ILE B 519 9.53 26.62 6.85
C ILE B 519 11.05 26.84 6.80
N ARG B 520 11.51 27.92 7.39
CA ARG B 520 12.93 28.27 7.39
C ARG B 520 13.67 27.60 8.54
N PHE B 521 14.84 27.03 8.22
CA PHE B 521 15.72 26.42 9.21
C PHE B 521 17.00 27.26 9.38
N LEU B 522 17.71 27.03 10.49
CA LEU B 522 18.93 27.79 10.80
C LEU B 522 20.06 27.52 9.79
#